data_7W7E
#
_entry.id   7W7E
#
_cell.length_a   1.00
_cell.length_b   1.00
_cell.length_c   1.00
_cell.angle_alpha   90.00
_cell.angle_beta   90.00
_cell.angle_gamma   90.00
#
_symmetry.space_group_name_H-M   'P 1'
#
loop_
_entity.id
_entity.type
_entity.pdbx_description
1 polymer 'Guanine nucleotide-binding protein G(o) subunit alpha'
2 polymer 'Guanine nucleotide-binding protein G(I)/G(S)/G(T) subunit beta-1'
3 polymer 'Guanine nucleotide-binding protein G(I)/G(S)/G(O) subunit gamma-2'
4 polymer scFv
5 polymer 'Alpha-2A adrenergic receptor'
6 non-polymer 5-(3-bicyclo[4.2.0]octa-1,3,5-trienyl)-1,2,3,6-tetrahydropyridine
#
loop_
_entity_poly.entity_id
_entity_poly.type
_entity_poly.pdbx_seq_one_letter_code
_entity_poly.pdbx_strand_id
1 'polypeptide(L)'
;MGCTLSAEERAALERSKAIEKNLKEDGISAAKDVKLLLLGAGESGKSTIVKQMKIIHEDGFSGEDVKQYKPVVYSNTIQS
LAAIVRAMDTLGIEYGDKERKADAKMVCDVVSRMEDTEPFSAELLSAMMRLWGDSGIQECFNRSREYQLNDSAKYYLDSL
DRIGAADYQPTEQDILRTRVKTTGIVETHFTFKNLHFRLFDVGGQRSERKKWIHCFEDVTAIIFCVALSGYDQVLHEDET
TNRMHESLMLFDSICNNKFFIDTSIILFLNKKDLFGEKIKKSPLTICFPEYTGPNTYEDAAAYIQAQFESKNRSPNKEIY
CHMTCATDTNNIQVVFDAVTDIIIANNLRGCGLY
;
A
2 'polypeptide(L)'
;HHHHHHGSSGSELDQLRQEAEQLKNQIRDARKACADATLSQITNNIDPVGRIQMRTRRTLRGHLAKIYAMHWGTDSRLLV
SASQDGKLIIWDSYTTNKVHAIPLRSSWVMTCAYAPSGNYVACGGLDNICSIYNLKTREGNVRVSRELAGHTGYLSCCRF
LDDNQIVTSSGDTTCALWDIETGQQTTTFTGHTGDVMSLSLAPDTRLFVSGACDASAKLWDVREGMCRQTFTGHESDINA
ICFFPNGNAFATGSDDATCRLFDLRADQELMTYSHDNIICGITSVSFSKSGRLLLAGYDDFNCNVWDALKADRAGVLAGH
DNRVSCLGVTDDGMAVATGSWDSFLKIWN
;
B
3 'polypeptide(L)' MASNNTASIAQARKLVEQLKMEANIDRIKVSKAAADLMAYCEAHAKEDPLLTPVPASENPFREKKFFCAIL G
4 'polypeptide(L)'
;MLLVNQSHQGFNKEHTSKMVSAIVLYVLLAAAAHSAFADVQLVESGGGLVQPGGSRKLSCSASGFAFSSFGMHWVRQAPE
KGLEWVAYISSGSGTIYYADTVKGRFTISRDDPKNTLFLQMTSLRSEDTAMYYCVRSIYYYGSSPFDFWGQGTTLTVSSG
GGGSGGGGSGGGGSDIVMTQATSSVPVTPGESVSISCRSSKSLLHSNGNTYLYWFLQRPGQSPQLLIYRMSNLASGVPDR
FSGSGSGTAFTLTISRLEAEDVGVYYCMQHLEYPLTFGAGTKLELKGSLEVLFQGPAAAHHHHHHHH
;
H
5 'polypeptide(L)'
;MFRQEQPLAEGSFAPMGSLQPDAGNASWNGTEAPGGGARATPYSLQVTLTLVCLAGLLMLLTVFGNVLVIIAVFTSRALK
APQNLFLVSLASADILVATLVIPFSLANEVMGYWYFGKAWCEIYLALDVLFCTSSIVHLCAISLDRYWSITQAIEYNLKR
TPRRIKAIIITVWVISAVISFPPLISIEKKGGGGGPQPAEPRCEINDQKWYVISSCIGSFFAPCLIMILVYVRIYQIAKR
RTRVPPSRRGPDAVAAPPGGTERRPNGLGPERSAGPGGAEAEPLPTQLNGAPGEPAPAGPRDTDALDLEESSSSDHAERP
PGPRRPERGPRGKGKARASQVKPGDSLPRRGPGATGIGTPAAGPGEERVGAAKASRWRGRQNREKRFTFVLAVVIGVFVV
CWFPFFFTYTLTAVGCSVPRTLFKFFFWFGYCNSSLNPVIYTIFNHDFRRAFKKILCRGDRKRIV
;
R
#
loop_
_chem_comp.id
_chem_comp.type
_chem_comp.name
_chem_comp.formula
W58 non-polymer 5-(3-bicyclo[4.2.0]octa-1,3,5-trienyl)-1,2,3,6-tetrahydropyridine 'C13 H15 N'
#
# COMPACT_ATOMS: atom_id res chain seq x y z
N THR A 4 13.45 12.45 -20.77
CA THR A 4 14.87 12.38 -20.45
C THR A 4 15.27 10.98 -19.98
N LEU A 5 14.50 9.99 -20.40
CA LEU A 5 14.73 8.60 -20.01
C LEU A 5 15.04 7.76 -21.25
N SER A 6 15.56 6.57 -20.99
CA SER A 6 16.00 5.69 -22.07
C SER A 6 14.79 5.08 -22.76
N ALA A 7 15.05 4.14 -23.67
CA ALA A 7 13.97 3.52 -24.43
C ALA A 7 13.12 2.62 -23.54
N GLU A 8 13.76 1.91 -22.61
CA GLU A 8 13.05 0.92 -21.81
C GLU A 8 12.39 1.51 -20.57
N GLU A 9 12.98 2.55 -19.99
CA GLU A 9 12.46 3.09 -18.74
C GLU A 9 11.03 3.62 -18.90
N ARG A 10 10.74 4.24 -20.04
CA ARG A 10 9.39 4.73 -20.26
C ARG A 10 8.38 3.59 -20.26
N ALA A 11 8.78 2.43 -20.80
CA ALA A 11 7.89 1.27 -20.75
C ALA A 11 7.64 0.83 -19.32
N ALA A 12 8.68 0.85 -18.47
CA ALA A 12 8.50 0.51 -17.07
C ALA A 12 7.55 1.50 -16.40
N LEU A 13 7.67 2.78 -16.73
CA LEU A 13 6.76 3.77 -16.16
C LEU A 13 5.33 3.50 -16.60
N GLU A 14 5.13 3.14 -17.87
CA GLU A 14 3.78 2.81 -18.33
C GLU A 14 3.22 1.62 -17.57
N ARG A 15 4.06 0.59 -17.34
CA ARG A 15 3.62 -0.56 -16.56
C ARG A 15 3.25 -0.14 -15.15
N SER A 16 4.04 0.73 -14.53
CA SER A 16 3.71 1.21 -13.20
C SER A 16 2.37 1.93 -13.18
N LYS A 17 2.11 2.76 -14.18
CA LYS A 17 0.84 3.47 -14.25
C LYS A 17 -0.32 2.50 -14.39
N ALA A 18 -0.17 1.49 -15.25
CA ALA A 18 -1.23 0.51 -15.42
C ALA A 18 -1.50 -0.25 -14.12
N ILE A 19 -0.43 -0.65 -13.41
CA ILE A 19 -0.62 -1.36 -12.15
C ILE A 19 -1.31 -0.45 -11.13
N GLU A 20 -0.93 0.82 -11.09
CA GLU A 20 -1.57 1.75 -10.17
C GLU A 20 -3.06 1.88 -10.46
N LYS A 21 -3.41 1.99 -11.74
CA LYS A 21 -4.82 2.10 -12.09
C LYS A 21 -5.59 0.84 -11.72
N ASN A 22 -4.99 -0.33 -11.94
CA ASN A 22 -5.65 -1.58 -11.55
C ASN A 22 -5.86 -1.64 -10.04
N LEU A 23 -4.85 -1.23 -9.27
CA LEU A 23 -5.02 -1.21 -7.82
C LEU A 23 -6.15 -0.27 -7.40
N LYS A 24 -6.21 0.91 -8.02
CA LYS A 24 -7.29 1.85 -7.69
C LYS A 24 -8.64 1.25 -8.01
N GLU A 25 -8.78 0.61 -9.17
CA GLU A 25 -10.05 0.02 -9.55
C GLU A 25 -10.45 -1.08 -8.58
N ASP A 26 -9.50 -1.92 -8.18
CA ASP A 26 -9.81 -2.96 -7.20
C ASP A 26 -10.24 -2.34 -5.87
N GLY A 27 -9.59 -1.25 -5.46
CA GLY A 27 -9.93 -0.62 -4.20
C GLY A 27 -11.31 0.01 -4.22
N ILE A 28 -11.71 0.60 -5.34
CA ILE A 28 -13.00 1.29 -5.39
C ILE A 28 -14.14 0.31 -5.12
N SER A 29 -14.10 -0.85 -5.76
CA SER A 29 -15.16 -1.84 -5.64
C SER A 29 -15.04 -2.71 -4.40
N ALA A 30 -14.20 -2.33 -3.44
CA ALA A 30 -14.02 -3.08 -2.21
C ALA A 30 -14.54 -2.34 -0.98
N ALA A 31 -14.83 -1.05 -1.09
CA ALA A 31 -15.44 -0.29 -0.01
C ALA A 31 -16.96 -0.22 -0.14
N LYS A 32 -17.53 -0.88 -1.14
CA LYS A 32 -18.97 -0.90 -1.35
C LYS A 32 -19.63 -2.11 -0.70
N ASP A 33 -18.88 -2.92 0.03
CA ASP A 33 -19.41 -4.05 0.77
C ASP A 33 -19.24 -3.83 2.26
N VAL A 34 -20.07 -4.52 3.04
CA VAL A 34 -20.14 -4.33 4.49
C VAL A 34 -19.49 -5.54 5.16
N LYS A 35 -18.59 -5.29 6.10
CA LYS A 35 -17.94 -6.33 6.87
C LYS A 35 -18.67 -6.53 8.20
N LEU A 36 -18.48 -7.70 8.80
CA LEU A 36 -19.14 -8.03 10.05
C LEU A 36 -18.33 -9.12 10.74
N LEU A 37 -17.74 -8.81 11.89
CA LEU A 37 -17.03 -9.80 12.69
C LEU A 37 -18.02 -10.50 13.60
N LEU A 38 -17.98 -11.82 13.63
CA LEU A 38 -18.94 -12.63 14.39
C LEU A 38 -18.22 -13.28 15.56
N LEU A 39 -18.29 -12.63 16.72
CA LEU A 39 -17.72 -13.17 17.94
C LEU A 39 -18.81 -13.96 18.68
N GLY A 40 -18.54 -14.31 19.93
CA GLY A 40 -19.51 -14.99 20.77
C GLY A 40 -18.93 -16.18 21.49
N ALA A 41 -19.53 -16.53 22.62
CA ALA A 41 -19.10 -17.69 23.37
C ALA A 41 -19.39 -18.96 22.58
N GLY A 42 -18.44 -19.90 22.61
CA GLY A 42 -18.59 -21.12 21.85
C GLY A 42 -19.75 -21.97 22.37
N GLU A 43 -20.30 -22.78 21.47
CA GLU A 43 -21.41 -23.68 21.77
C GLU A 43 -22.67 -22.93 22.17
N SER A 44 -22.80 -21.66 21.77
CA SER A 44 -23.93 -20.81 22.16
C SER A 44 -24.52 -20.16 20.91
N GLY A 45 -25.42 -20.88 20.25
CA GLY A 45 -26.23 -20.30 19.20
C GLY A 45 -25.47 -19.56 18.13
N LYS A 46 -24.41 -20.17 17.61
CA LYS A 46 -23.63 -19.59 16.52
C LYS A 46 -23.97 -20.22 15.17
N SER A 47 -23.92 -21.55 15.09
CA SER A 47 -24.26 -22.22 13.85
C SER A 47 -25.68 -21.88 13.40
N THR A 48 -26.59 -21.68 14.34
CA THR A 48 -27.96 -21.33 13.98
C THR A 48 -28.00 -20.02 13.21
N ILE A 49 -27.31 -18.98 13.72
CA ILE A 49 -27.27 -17.70 13.03
C ILE A 49 -26.59 -17.86 11.68
N VAL A 50 -25.47 -18.58 11.63
CA VAL A 50 -24.75 -18.73 10.36
C VAL A 50 -25.65 -19.38 9.33
N LYS A 51 -26.35 -20.44 9.71
CA LYS A 51 -27.23 -21.13 8.78
C LYS A 51 -28.37 -20.22 8.33
N GLN A 52 -28.99 -19.50 9.28
CA GLN A 52 -30.08 -18.61 8.91
C GLN A 52 -29.60 -17.52 7.95
N MET A 53 -28.34 -17.14 8.04
CA MET A 53 -27.83 -16.07 7.16
C MET A 53 -27.92 -16.47 5.69
N LYS A 54 -27.60 -17.72 5.38
CA LYS A 54 -27.69 -18.22 4.01
C LYS A 54 -28.59 -19.44 3.92
N THR A 182 -9.39 -23.21 5.51
CA THR A 182 -10.11 -24.39 5.98
C THR A 182 -10.18 -24.39 7.50
N THR A 183 -9.05 -24.60 8.15
CA THR A 183 -8.98 -24.60 9.61
C THR A 183 -8.59 -23.22 10.13
N GLY A 184 -9.44 -22.24 9.80
CA GLY A 184 -9.18 -20.87 10.19
C GLY A 184 -10.36 -19.97 9.90
N ILE A 185 -10.09 -18.77 9.36
CA ILE A 185 -11.15 -17.84 9.05
C ILE A 185 -12.12 -18.50 8.07
N VAL A 186 -13.39 -18.54 8.45
CA VAL A 186 -14.46 -19.00 7.57
C VAL A 186 -15.30 -17.78 7.21
N GLU A 187 -15.33 -17.45 5.93
CA GLU A 187 -15.98 -16.24 5.45
C GLU A 187 -17.29 -16.60 4.78
N THR A 188 -18.40 -16.23 5.42
CA THR A 188 -19.69 -16.26 4.75
C THR A 188 -19.84 -14.99 3.92
N HIS A 189 -20.53 -15.13 2.78
CA HIS A 189 -20.47 -14.10 1.74
C HIS A 189 -21.86 -13.85 1.18
N PHE A 190 -22.85 -13.73 2.05
CA PHE A 190 -24.23 -13.57 1.62
C PHE A 190 -24.52 -12.11 1.25
N THR A 191 -25.71 -11.89 0.69
CA THR A 191 -26.17 -10.56 0.32
C THR A 191 -27.66 -10.46 0.61
N PHE A 192 -28.12 -9.23 0.82
CA PHE A 192 -29.53 -9.00 1.16
C PHE A 192 -29.91 -7.59 0.76
N LYS A 193 -30.72 -7.46 -0.29
CA LYS A 193 -31.30 -6.18 -0.70
C LYS A 193 -30.20 -5.15 -1.00
N ASN A 194 -29.42 -5.46 -2.03
CA ASN A 194 -28.51 -4.51 -2.65
C ASN A 194 -27.27 -4.23 -1.79
N LEU A 195 -27.21 -4.80 -0.60
CA LEU A 195 -25.98 -4.77 0.18
C LEU A 195 -25.16 -6.01 -0.11
N HIS A 196 -23.91 -5.99 0.33
CA HIS A 196 -22.97 -7.08 0.06
C HIS A 196 -22.22 -7.36 1.37
N PHE A 197 -22.77 -8.27 2.17
CA PHE A 197 -22.21 -8.56 3.48
C PHE A 197 -21.12 -9.61 3.38
N ARG A 198 -20.08 -9.46 4.19
CA ARG A 198 -19.00 -10.42 4.29
C ARG A 198 -18.76 -10.68 5.77
N LEU A 199 -19.25 -11.82 6.25
CA LEU A 199 -19.27 -12.13 7.68
C LEU A 199 -18.11 -13.07 7.99
N PHE A 200 -17.09 -12.55 8.65
CA PHE A 200 -15.87 -13.30 8.95
C PHE A 200 -16.08 -14.07 10.25
N ASP A 201 -16.55 -15.31 10.12
CA ASP A 201 -16.81 -16.16 11.28
C ASP A 201 -15.50 -16.76 11.76
N VAL A 202 -14.81 -16.04 12.62
CA VAL A 202 -13.56 -16.52 13.20
C VAL A 202 -13.90 -17.29 14.47
N GLY A 203 -13.71 -18.60 14.43
CA GLY A 203 -13.90 -19.43 15.60
C GLY A 203 -12.91 -20.57 15.70
N GLY A 204 -11.97 -20.63 14.76
CA GLY A 204 -11.06 -21.76 14.69
C GLY A 204 -9.80 -21.59 15.50
N GLN A 205 -9.27 -20.37 15.55
CA GLN A 205 -8.00 -20.15 16.23
C GLN A 205 -8.14 -20.46 17.71
N ARG A 206 -7.16 -21.19 18.25
CA ARG A 206 -7.10 -21.50 19.67
C ARG A 206 -6.16 -20.58 20.44
N SER A 207 -5.59 -19.58 19.77
CA SER A 207 -4.65 -18.68 20.42
C SER A 207 -5.39 -17.57 21.16
N GLU A 208 -4.65 -16.85 21.99
CA GLU A 208 -5.24 -15.73 22.72
C GLU A 208 -5.71 -14.66 21.74
N ARG A 209 -6.87 -14.08 22.03
CA ARG A 209 -7.47 -13.13 21.11
C ARG A 209 -6.70 -11.82 21.02
N LYS A 210 -5.74 -11.58 21.90
CA LYS A 210 -5.01 -10.32 21.86
C LYS A 210 -4.20 -10.16 20.58
N LYS A 211 -3.98 -11.24 19.83
CA LYS A 211 -3.04 -11.21 18.73
C LYS A 211 -3.70 -10.85 17.39
N TRP A 212 -4.73 -11.58 16.99
CA TRP A 212 -5.35 -11.39 15.69
C TRP A 212 -6.57 -10.49 15.71
N ILE A 213 -6.91 -9.92 16.87
CA ILE A 213 -8.12 -9.09 16.94
C ILE A 213 -7.91 -7.78 16.20
N HIS A 214 -6.74 -7.18 16.32
CA HIS A 214 -6.53 -5.87 15.72
C HIS A 214 -6.69 -5.90 14.21
N CYS A 215 -6.61 -7.08 13.59
CA CYS A 215 -6.79 -7.16 12.15
C CYS A 215 -8.18 -6.71 11.72
N PHE A 216 -9.16 -6.76 12.62
CA PHE A 216 -10.54 -6.37 12.31
C PHE A 216 -10.90 -5.01 12.90
N GLU A 217 -9.96 -4.07 12.93
CA GLU A 217 -10.22 -2.78 13.55
C GLU A 217 -11.15 -1.89 12.73
N ASP A 218 -11.41 -2.23 11.47
CA ASP A 218 -12.23 -1.41 10.59
C ASP A 218 -13.46 -2.17 10.12
N VAL A 219 -14.13 -2.84 11.04
CA VAL A 219 -15.32 -3.64 10.74
C VAL A 219 -16.55 -2.84 11.14
N THR A 220 -17.55 -2.82 10.25
CA THR A 220 -18.71 -1.96 10.43
C THR A 220 -19.60 -2.37 11.61
N ALA A 221 -19.41 -3.56 12.16
CA ALA A 221 -20.19 -4.00 13.32
C ALA A 221 -19.58 -5.29 13.83
N ILE A 222 -20.00 -5.69 15.03
CA ILE A 222 -19.53 -6.92 15.67
C ILE A 222 -20.76 -7.66 16.16
N ILE A 223 -21.28 -8.58 15.35
CA ILE A 223 -22.41 -9.38 15.78
C ILE A 223 -21.99 -10.22 16.98
N PHE A 224 -22.93 -10.45 17.88
CA PHE A 224 -22.65 -11.15 19.13
C PHE A 224 -23.80 -12.09 19.44
N CYS A 225 -23.46 -13.31 19.85
CA CYS A 225 -24.45 -14.33 20.18
C CYS A 225 -24.18 -14.85 21.58
N VAL A 226 -25.23 -14.94 22.39
CA VAL A 226 -25.13 -15.42 23.76
C VAL A 226 -26.06 -16.60 23.93
N ALA A 227 -25.94 -17.28 25.08
CA ALA A 227 -26.67 -18.52 25.30
C ALA A 227 -28.13 -18.25 25.65
N LEU A 228 -28.36 -17.53 26.75
CA LEU A 228 -29.70 -17.28 27.28
C LEU A 228 -30.26 -18.53 27.96
N SER A 229 -29.53 -19.64 27.88
CA SER A 229 -29.90 -20.87 28.58
C SER A 229 -28.95 -21.19 29.72
N GLY A 230 -27.96 -20.34 29.98
CA GLY A 230 -26.98 -20.57 31.01
C GLY A 230 -27.40 -20.17 32.40
N TYR A 231 -28.65 -19.75 32.59
CA TYR A 231 -29.11 -19.36 33.91
C TYR A 231 -29.09 -20.52 34.90
N ASP A 232 -29.00 -21.76 34.41
CA ASP A 232 -28.99 -22.95 35.25
C ASP A 232 -27.71 -23.75 35.11
N GLN A 233 -27.25 -24.02 33.88
CA GLN A 233 -26.05 -24.82 33.69
C GLN A 233 -24.81 -24.08 34.20
N VAL A 234 -23.77 -24.86 34.47
CA VAL A 234 -22.51 -24.34 34.99
C VAL A 234 -21.33 -24.66 34.09
N LEU A 235 -21.55 -25.50 33.07
CA LEU A 235 -20.46 -25.92 32.16
C LEU A 235 -19.23 -26.34 32.98
N THR A 241 -18.77 -22.36 36.48
CA THR A 241 -19.44 -21.07 36.46
C THR A 241 -20.47 -21.03 35.34
N ASN A 242 -21.60 -20.40 35.61
CA ASN A 242 -22.69 -20.36 34.65
C ASN A 242 -22.22 -19.73 33.34
N ARG A 243 -22.62 -20.35 32.22
CA ARG A 243 -22.23 -19.83 30.92
C ARG A 243 -22.74 -18.41 30.71
N MET A 244 -23.85 -18.05 31.34
CA MET A 244 -24.38 -16.70 31.20
C MET A 244 -23.39 -15.67 31.71
N HIS A 245 -22.81 -15.92 32.89
CA HIS A 245 -21.82 -14.99 33.43
C HIS A 245 -20.56 -14.96 32.57
N GLU A 246 -20.15 -16.11 32.02
CA GLU A 246 -18.98 -16.13 31.15
C GLU A 246 -19.22 -15.29 29.91
N SER A 247 -20.40 -15.43 29.30
CA SER A 247 -20.73 -14.62 28.13
C SER A 247 -20.80 -13.14 28.49
N LEU A 248 -21.35 -12.82 29.66
CA LEU A 248 -21.39 -11.43 30.09
C LEU A 248 -19.98 -10.85 30.25
N MET A 249 -19.08 -11.62 30.85
CA MET A 249 -17.71 -11.15 31.00
C MET A 249 -17.04 -10.97 29.64
N LEU A 250 -17.27 -11.90 28.72
CA LEU A 250 -16.68 -11.77 27.39
C LEU A 250 -17.22 -10.52 26.68
N PHE A 251 -18.52 -10.26 26.81
CA PHE A 251 -19.09 -9.07 26.19
C PHE A 251 -18.51 -7.81 26.81
N ASP A 252 -18.31 -7.81 28.13
CA ASP A 252 -17.70 -6.66 28.78
C ASP A 252 -16.28 -6.44 28.26
N SER A 253 -15.53 -7.52 28.08
CA SER A 253 -14.17 -7.39 27.55
C SER A 253 -14.18 -6.85 26.14
N ILE A 254 -15.07 -7.37 25.28
CA ILE A 254 -15.14 -6.90 23.89
C ILE A 254 -15.69 -5.50 23.79
N CYS A 255 -16.39 -5.01 24.81
CA CYS A 255 -16.97 -3.68 24.79
C CYS A 255 -16.03 -2.60 25.34
N ASN A 256 -14.83 -2.99 25.80
CA ASN A 256 -13.86 -2.04 26.32
C ASN A 256 -12.53 -2.09 25.59
N ASN A 257 -12.35 -3.00 24.65
CA ASN A 257 -11.10 -3.06 23.89
C ASN A 257 -10.86 -1.74 23.18
N LYS A 258 -9.61 -1.27 23.22
CA LYS A 258 -9.30 0.02 22.62
C LYS A 258 -9.55 0.02 21.12
N PHE A 259 -9.46 -1.13 20.47
CA PHE A 259 -9.67 -1.20 19.03
C PHE A 259 -11.14 -0.98 18.68
N PHE A 260 -12.06 -1.53 19.48
CA PHE A 260 -13.49 -1.50 19.19
C PHE A 260 -14.22 -0.48 20.06
N ILE A 261 -13.61 0.68 20.31
CA ILE A 261 -14.25 1.69 21.15
C ILE A 261 -15.15 2.57 20.32
N ASP A 262 -15.34 2.22 19.05
CA ASP A 262 -16.16 3.02 18.16
C ASP A 262 -17.08 2.18 17.26
N THR A 263 -17.03 0.86 17.34
CA THR A 263 -17.83 0.00 16.48
C THR A 263 -19.05 -0.50 17.27
N SER A 264 -20.24 -0.19 16.75
CA SER A 264 -21.46 -0.65 17.39
C SER A 264 -21.47 -2.17 17.47
N ILE A 265 -22.36 -2.70 18.31
CA ILE A 265 -22.43 -4.13 18.59
C ILE A 265 -23.88 -4.57 18.53
N ILE A 266 -24.10 -5.77 17.99
CA ILE A 266 -25.42 -6.36 17.87
C ILE A 266 -25.49 -7.58 18.77
N LEU A 267 -26.62 -7.75 19.45
CA LEU A 267 -26.85 -8.89 20.34
C LEU A 267 -27.97 -9.74 19.78
N PHE A 268 -27.73 -11.04 19.69
CA PHE A 268 -28.74 -12.02 19.29
C PHE A 268 -28.98 -12.95 20.47
N LEU A 269 -29.99 -12.65 21.28
CA LEU A 269 -30.34 -13.51 22.39
C LEU A 269 -31.04 -14.76 21.87
N ASN A 270 -30.30 -15.62 21.18
CA ASN A 270 -30.88 -16.80 20.57
C ASN A 270 -31.10 -17.89 21.62
N LYS A 271 -31.73 -18.99 21.18
CA LYS A 271 -32.13 -20.08 22.06
C LYS A 271 -33.11 -19.57 23.13
N LYS A 272 -34.22 -19.01 22.63
CA LYS A 272 -35.25 -18.45 23.51
C LYS A 272 -36.34 -19.46 23.84
N ASP A 273 -36.70 -20.33 22.89
CA ASP A 273 -37.79 -21.27 23.14
C ASP A 273 -37.47 -22.19 24.30
N LEU A 274 -36.25 -22.73 24.35
CA LEU A 274 -35.85 -23.55 25.49
C LEU A 274 -35.76 -22.71 26.76
N PHE A 275 -35.42 -21.43 26.63
CA PHE A 275 -35.33 -20.57 27.80
C PHE A 275 -36.68 -20.44 28.49
N GLY A 276 -37.75 -20.39 27.71
CA GLY A 276 -39.10 -20.31 28.25
C GLY A 276 -39.69 -21.69 28.52
N CYS A 287 -31.16 -19.85 39.37
CA CYS A 287 -29.95 -19.17 39.83
C CYS A 287 -29.96 -17.73 39.35
N PHE A 288 -28.78 -17.17 39.04
CA PHE A 288 -28.62 -15.76 38.70
C PHE A 288 -29.41 -14.88 39.67
N PRO A 289 -29.34 -15.16 40.98
CA PRO A 289 -30.28 -14.53 41.93
C PRO A 289 -29.79 -13.23 42.53
N GLU A 290 -29.83 -12.16 41.74
CA GLU A 290 -29.43 -10.83 42.25
C GLU A 290 -30.65 -10.11 42.81
N TYR A 291 -31.61 -9.78 41.96
CA TYR A 291 -32.94 -9.40 42.42
C TYR A 291 -34.04 -10.24 41.81
N THR A 292 -34.14 -10.28 40.48
CA THR A 292 -35.10 -11.12 39.76
C THR A 292 -36.43 -11.23 40.50
N GLY A 293 -36.98 -10.08 40.91
CA GLY A 293 -38.15 -10.06 41.74
C GLY A 293 -39.40 -10.56 41.04
N PRO A 294 -39.72 -9.97 39.88
CA PRO A 294 -40.89 -10.43 39.14
C PRO A 294 -40.83 -11.91 38.79
N ASN A 295 -39.65 -12.42 38.45
CA ASN A 295 -39.37 -13.83 38.20
C ASN A 295 -40.02 -14.35 36.93
N THR A 296 -40.80 -13.54 36.22
CA THR A 296 -41.49 -14.02 35.04
C THR A 296 -40.54 -14.08 33.85
N TYR A 297 -40.93 -14.85 32.84
CA TYR A 297 -40.13 -14.97 31.62
C TYR A 297 -39.86 -13.60 30.99
N GLU A 298 -40.92 -12.83 30.78
CA GLU A 298 -40.81 -11.56 30.08
C GLU A 298 -40.08 -10.50 30.90
N ASP A 299 -39.89 -10.75 32.20
CA ASP A 299 -39.12 -9.86 33.05
C ASP A 299 -37.68 -10.34 33.21
N ALA A 300 -37.45 -11.65 33.28
CA ALA A 300 -36.08 -12.15 33.29
C ALA A 300 -35.36 -11.79 31.99
N ALA A 301 -36.04 -11.96 30.85
CA ALA A 301 -35.43 -11.60 29.58
C ALA A 301 -35.09 -10.11 29.55
N ALA A 302 -36.02 -9.27 30.01
CA ALA A 302 -35.78 -7.84 30.04
C ALA A 302 -34.60 -7.51 30.94
N TYR A 303 -34.50 -8.17 32.10
CA TYR A 303 -33.40 -7.91 33.01
C TYR A 303 -32.07 -8.27 32.37
N ILE A 304 -31.99 -9.44 31.72
CA ILE A 304 -30.74 -9.85 31.10
C ILE A 304 -30.35 -8.88 29.98
N GLN A 305 -31.32 -8.51 29.15
CA GLN A 305 -31.05 -7.57 28.08
C GLN A 305 -30.58 -6.23 28.65
N ALA A 306 -31.19 -5.78 29.74
CA ALA A 306 -30.78 -4.54 30.37
C ALA A 306 -29.35 -4.63 30.89
N GLN A 307 -29.00 -5.75 31.50
CA GLN A 307 -27.61 -5.96 31.93
C GLN A 307 -26.67 -5.81 30.77
N PHE A 308 -26.94 -6.53 29.67
CA PHE A 308 -26.05 -6.49 28.52
C PHE A 308 -25.95 -5.08 27.94
N GLU A 309 -27.09 -4.39 27.80
CA GLU A 309 -27.06 -3.06 27.20
C GLU A 309 -26.36 -2.06 28.10
N SER A 310 -26.48 -2.21 29.42
CA SER A 310 -25.83 -1.30 30.35
C SER A 310 -24.37 -1.65 30.61
N LYS A 311 -23.89 -2.78 30.09
CA LYS A 311 -22.47 -3.09 30.23
C LYS A 311 -21.57 -2.12 29.48
N ASN A 312 -22.11 -1.32 28.57
CA ASN A 312 -21.31 -0.34 27.84
C ASN A 312 -21.31 1.00 28.56
N ARG A 313 -20.26 1.79 28.30
CA ARG A 313 -20.09 3.08 28.97
C ARG A 313 -19.56 4.15 28.02
N SER A 314 -19.92 4.08 26.74
CA SER A 314 -19.49 5.08 25.77
C SER A 314 -20.70 5.70 25.10
N PRO A 315 -20.59 6.96 24.64
CA PRO A 315 -21.78 7.63 24.08
C PRO A 315 -21.92 7.47 22.57
N ASN A 316 -20.85 7.06 21.90
CA ASN A 316 -20.82 7.01 20.44
C ASN A 316 -20.81 5.59 19.89
N LYS A 317 -21.39 4.65 20.63
CA LYS A 317 -21.57 3.28 20.15
C LYS A 317 -22.84 2.73 20.80
N GLU A 318 -23.87 2.53 20.01
CA GLU A 318 -25.15 2.04 20.50
C GLU A 318 -25.24 0.53 20.32
N ILE A 319 -25.72 -0.16 21.35
CA ILE A 319 -25.87 -1.60 21.33
C ILE A 319 -27.32 -1.95 21.00
N TYR A 320 -27.50 -2.77 19.98
CA TYR A 320 -28.82 -3.21 19.57
C TYR A 320 -29.12 -4.58 20.19
N CYS A 321 -30.35 -5.05 19.98
CA CYS A 321 -30.77 -6.31 20.58
C CYS A 321 -31.85 -6.93 19.72
N HIS A 322 -32.04 -8.24 19.92
CA HIS A 322 -33.06 -8.99 19.18
C HIS A 322 -33.06 -10.42 19.73
N MET A 323 -34.10 -11.17 19.37
CA MET A 323 -34.17 -12.60 19.66
C MET A 323 -34.40 -13.35 18.36
N THR A 324 -33.81 -14.54 18.27
CA THR A 324 -33.83 -15.33 17.06
C THR A 324 -35.04 -16.27 17.08
N CYS A 325 -35.02 -17.30 16.22
CA CYS A 325 -36.17 -18.17 15.98
C CYS A 325 -37.24 -17.50 15.11
N ALA A 326 -36.81 -16.64 14.20
CA ALA A 326 -37.72 -16.02 13.25
C ALA A 326 -38.25 -17.01 12.23
N THR A 327 -39.53 -16.87 11.90
CA THR A 327 -40.13 -17.74 10.89
C THR A 327 -39.42 -17.58 9.54
N ASP A 328 -39.29 -16.35 9.07
CA ASP A 328 -38.56 -16.06 7.85
C ASP A 328 -37.10 -15.77 8.21
N THR A 329 -36.34 -15.23 7.26
CA THR A 329 -34.97 -14.79 7.52
C THR A 329 -35.01 -13.35 8.07
N ASN A 330 -35.84 -13.17 9.10
CA ASN A 330 -35.95 -11.88 9.76
C ASN A 330 -34.68 -11.50 10.50
N ASN A 331 -33.86 -12.48 10.88
CA ASN A 331 -32.59 -12.16 11.54
C ASN A 331 -31.73 -11.30 10.64
N ILE A 332 -31.69 -11.61 9.35
CA ILE A 332 -30.97 -10.76 8.41
C ILE A 332 -31.62 -9.38 8.33
N GLN A 333 -32.95 -9.33 8.41
CA GLN A 333 -33.63 -8.04 8.36
C GLN A 333 -33.20 -7.15 9.52
N VAL A 334 -33.08 -7.72 10.72
CA VAL A 334 -32.58 -6.96 11.86
C VAL A 334 -31.16 -6.48 11.59
N VAL A 335 -30.33 -7.35 11.01
CA VAL A 335 -28.97 -6.96 10.69
C VAL A 335 -28.96 -5.85 9.65
N PHE A 336 -29.85 -5.94 8.66
CA PHE A 336 -29.93 -4.88 7.66
C PHE A 336 -30.29 -3.55 8.29
N ASP A 337 -31.29 -3.56 9.17
CA ASP A 337 -31.69 -2.31 9.82
C ASP A 337 -30.56 -1.75 10.68
N ALA A 338 -29.88 -2.62 11.43
CA ALA A 338 -28.78 -2.15 12.26
C ALA A 338 -27.65 -1.57 11.42
N VAL A 339 -27.34 -2.21 10.29
CA VAL A 339 -26.27 -1.71 9.43
C VAL A 339 -26.66 -0.35 8.84
N THR A 340 -27.90 -0.21 8.40
CA THR A 340 -28.33 1.07 7.86
C THR A 340 -28.24 2.16 8.92
N ASP A 341 -28.69 1.86 10.14
CA ASP A 341 -28.61 2.86 11.21
C ASP A 341 -27.17 3.23 11.52
N ILE A 342 -26.28 2.23 11.55
CA ILE A 342 -24.88 2.50 11.84
C ILE A 342 -24.27 3.38 10.76
N ILE A 343 -24.56 3.09 9.49
CA ILE A 343 -24.02 3.91 8.41
C ILE A 343 -24.57 5.32 8.49
N ILE A 344 -25.86 5.47 8.79
CA ILE A 344 -26.44 6.81 8.91
C ILE A 344 -25.75 7.59 10.01
N ALA A 345 -25.57 6.97 11.18
CA ALA A 345 -24.92 7.66 12.29
C ALA A 345 -23.46 7.94 12.01
N ASN A 346 -22.82 7.11 11.17
CA ASN A 346 -21.42 7.33 10.85
C ASN A 346 -21.25 8.47 9.85
N ASN A 347 -22.17 8.60 8.89
CA ASN A 347 -22.12 9.70 7.95
C ASN A 347 -22.58 11.02 8.55
N LEU A 348 -23.33 10.97 9.66
CA LEU A 348 -23.77 12.17 10.34
C LEU A 348 -22.69 12.76 11.25
N ARG A 349 -21.63 12.01 11.52
CA ARG A 349 -20.50 12.50 12.31
C ARG A 349 -19.37 13.02 11.43
N GLY A 350 -19.49 12.93 10.12
CA GLY A 350 -18.46 13.44 9.23
C GLY A 350 -18.63 14.92 8.96
N CYS A 351 -19.85 15.41 9.10
CA CYS A 351 -20.18 16.83 8.91
C CYS A 351 -20.42 17.53 10.23
N GLY A 352 -19.63 17.19 11.25
CA GLY A 352 -19.95 17.67 12.59
C GLY A 352 -21.17 16.96 13.11
N LEU A 353 -21.98 17.67 13.89
CA LEU A 353 -23.23 17.13 14.41
C LEU A 353 -22.98 15.83 15.17
N TYR A 354 -21.98 15.83 16.03
CA TYR A 354 -21.64 14.64 16.81
C TYR A 354 -22.86 14.03 17.47
N GLN B 15 7.31 -33.97 42.02
CA GLN B 15 8.07 -35.13 41.53
C GLN B 15 9.14 -34.66 40.55
N LEU B 16 8.96 -34.98 39.26
CA LEU B 16 9.93 -34.58 38.25
C LEU B 16 9.99 -33.07 38.09
N ARG B 17 8.91 -32.35 38.43
CA ARG B 17 8.94 -30.90 38.34
C ARG B 17 9.93 -30.31 39.33
N GLN B 18 10.03 -30.89 40.52
CA GLN B 18 11.03 -30.42 41.48
C GLN B 18 12.44 -30.62 40.95
N GLU B 19 12.69 -31.77 40.32
CA GLU B 19 14.00 -32.00 39.71
C GLU B 19 14.27 -31.02 38.59
N ALA B 20 13.24 -30.69 37.80
CA ALA B 20 13.42 -29.70 36.74
C ALA B 20 13.78 -28.34 37.32
N GLU B 21 13.11 -27.95 38.42
CA GLU B 21 13.44 -26.69 39.07
C GLU B 21 14.86 -26.71 39.61
N GLN B 22 15.29 -27.84 40.17
CA GLN B 22 16.65 -27.99 40.66
C GLN B 22 17.66 -27.85 39.53
N LEU B 23 17.38 -28.47 38.39
CA LEU B 23 18.25 -28.33 37.22
C LEU B 23 18.28 -26.88 36.75
N LYS B 24 17.14 -26.19 36.79
CA LYS B 24 17.10 -24.78 36.42
C LYS B 24 17.94 -23.95 37.37
N ASN B 25 17.93 -24.29 38.66
CA ASN B 25 18.79 -23.59 39.60
C ASN B 25 20.25 -23.77 39.23
N GLN B 26 20.64 -25.00 38.87
CA GLN B 26 22.03 -25.21 38.46
C GLN B 26 22.36 -24.46 37.18
N ILE B 27 21.45 -24.44 36.21
CA ILE B 27 21.76 -23.80 34.94
C ILE B 27 21.87 -22.29 35.12
N ARG B 28 21.03 -21.70 35.98
CA ARG B 28 21.15 -20.27 36.24
C ARG B 28 22.42 -19.97 37.03
N ASP B 29 22.81 -20.86 37.94
CA ASP B 29 24.09 -20.67 38.64
C ASP B 29 25.24 -20.69 37.65
N ALA B 30 25.21 -21.62 36.69
CA ALA B 30 26.24 -21.66 35.67
C ALA B 30 26.23 -20.41 34.82
N ARG B 31 25.04 -19.92 34.46
CA ARG B 31 24.92 -18.68 33.72
C ARG B 31 25.61 -17.53 34.46
N LYS B 32 25.39 -17.47 35.78
CA LYS B 32 25.97 -16.37 36.56
C LYS B 32 27.47 -16.55 36.75
N ALA B 33 27.95 -17.79 36.76
CA ALA B 33 29.36 -18.05 37.08
C ALA B 33 30.33 -17.48 36.07
N CYS B 34 29.87 -17.07 34.89
CA CYS B 34 30.74 -16.59 33.82
C CYS B 34 30.29 -15.22 33.33
N ALA B 35 30.07 -14.30 34.27
CA ALA B 35 29.57 -12.97 33.97
C ALA B 35 30.49 -11.90 34.55
N ASP B 36 31.80 -12.04 34.30
CA ASP B 36 32.76 -11.06 34.82
C ASP B 36 32.51 -9.69 34.23
N ALA B 37 32.20 -9.62 32.94
CA ALA B 37 31.99 -8.36 32.25
C ALA B 37 30.51 -8.21 31.88
N THR B 38 30.17 -7.01 31.39
CA THR B 38 28.80 -6.72 30.99
C THR B 38 28.71 -5.94 29.69
N LEU B 39 29.83 -5.56 29.08
CA LEU B 39 29.85 -4.75 27.86
C LEU B 39 29.48 -3.31 28.16
N SER B 40 29.06 -3.04 29.40
CA SER B 40 28.68 -1.69 29.81
C SER B 40 29.86 -0.96 30.46
N GLN B 41 30.47 -1.57 31.47
CA GLN B 41 31.72 -1.03 32.00
C GLN B 41 32.80 -1.03 30.92
N ILE B 42 32.87 -2.10 30.13
CA ILE B 42 33.73 -2.09 28.95
C ILE B 42 33.11 -1.21 27.88
N THR B 43 33.95 -0.63 27.04
CA THR B 43 33.57 0.34 26.01
C THR B 43 33.15 1.67 26.61
N ASN B 44 33.30 1.86 27.93
CA ASN B 44 32.98 3.14 28.53
C ASN B 44 33.85 4.25 27.95
N ASN B 45 35.15 3.98 27.78
CA ASN B 45 36.04 4.96 27.15
C ASN B 45 35.72 5.12 25.67
N ILE B 46 35.15 4.09 25.03
CA ILE B 46 34.90 4.15 23.61
C ILE B 46 34.01 5.34 23.28
N ASP B 47 34.33 6.02 22.18
CA ASP B 47 33.62 7.22 21.80
C ASP B 47 32.19 6.90 21.36
N PRO B 48 31.30 7.88 21.43
CA PRO B 48 29.93 7.68 20.95
C PRO B 48 29.85 7.88 19.44
N VAL B 49 28.62 7.84 18.92
CA VAL B 49 28.34 8.11 17.52
C VAL B 49 27.47 9.37 17.47
N GLY B 50 27.86 10.31 16.62
CA GLY B 50 27.13 11.56 16.50
C GLY B 50 25.66 11.34 16.18
N ARG B 51 24.90 12.42 16.31
CA ARG B 51 23.47 12.36 16.04
C ARG B 51 23.22 11.86 14.63
N ILE B 52 22.61 10.68 14.51
CA ILE B 52 22.35 10.08 13.21
C ILE B 52 21.07 10.71 12.66
N GLN B 53 21.22 11.57 11.67
CA GLN B 53 20.08 12.23 11.03
C GLN B 53 19.81 11.56 9.69
N MET B 54 18.56 11.13 9.50
CA MET B 54 18.13 10.46 8.29
C MET B 54 16.94 11.20 7.71
N ARG B 55 17.01 11.50 6.41
CA ARG B 55 15.96 12.21 5.71
C ARG B 55 15.17 11.25 4.85
N THR B 56 13.85 11.30 4.96
CA THR B 56 13.01 10.44 4.14
C THR B 56 13.34 10.67 2.67
N ARG B 57 13.97 9.69 2.02
CA ARG B 57 14.41 9.89 0.65
C ARG B 57 13.30 9.63 -0.34
N ARG B 58 12.55 8.54 -0.17
CA ARG B 58 11.47 8.20 -1.07
C ARG B 58 10.27 7.70 -0.27
N THR B 59 9.09 7.93 -0.83
CA THR B 59 7.83 7.51 -0.22
C THR B 59 7.09 6.64 -1.23
N LEU B 60 7.05 5.35 -0.94
CA LEU B 60 6.35 4.38 -1.81
C LEU B 60 4.90 4.31 -1.35
N ARG B 61 4.01 4.89 -2.13
CA ARG B 61 2.60 5.07 -1.75
C ARG B 61 1.71 4.39 -2.78
N GLY B 62 1.45 3.09 -2.57
CA GLY B 62 0.57 2.36 -3.47
C GLY B 62 -0.58 1.66 -2.77
N HIS B 63 -0.40 1.33 -1.49
CA HIS B 63 -1.35 0.49 -0.79
C HIS B 63 -2.61 1.26 -0.42
N LEU B 64 -3.59 0.53 0.11
CA LEU B 64 -4.86 1.13 0.52
C LEU B 64 -5.25 0.80 1.96
N ALA B 65 -4.43 0.07 2.70
CA ALA B 65 -4.76 -0.30 4.06
C ALA B 65 -3.46 -0.60 4.80
N LYS B 66 -3.58 -1.14 6.00
CA LYS B 66 -2.40 -1.40 6.82
C LYS B 66 -1.49 -2.39 6.12
N ILE B 67 -0.18 -2.18 6.25
CA ILE B 67 0.83 -3.09 5.74
C ILE B 67 1.48 -3.78 6.93
N TYR B 68 1.58 -5.11 6.87
CA TYR B 68 1.97 -5.91 8.02
C TYR B 68 3.36 -6.51 7.92
N ALA B 69 3.98 -6.51 6.74
CA ALA B 69 5.30 -7.09 6.62
C ALA B 69 5.92 -6.70 5.29
N MET B 70 7.25 -6.80 5.23
CA MET B 70 7.99 -6.55 4.00
C MET B 70 9.33 -7.26 4.12
N HIS B 71 9.99 -7.42 2.97
CA HIS B 71 11.29 -8.08 2.94
C HIS B 71 12.10 -7.52 1.78
N TRP B 72 13.39 -7.32 2.02
CA TRP B 72 14.29 -6.74 1.04
C TRP B 72 14.84 -7.83 0.13
N GLY B 73 14.75 -7.60 -1.18
CA GLY B 73 15.33 -8.54 -2.12
C GLY B 73 16.84 -8.62 -1.97
N THR B 74 17.42 -9.67 -2.56
CA THR B 74 18.86 -9.83 -2.48
C THR B 74 19.59 -8.75 -3.26
N ASP B 75 18.98 -8.24 -4.34
CA ASP B 75 19.62 -7.21 -5.14
C ASP B 75 19.83 -5.92 -4.35
N SER B 76 19.16 -5.76 -3.22
CA SER B 76 19.10 -4.49 -2.49
C SER B 76 18.41 -3.41 -3.31
N ARG B 77 17.57 -3.82 -4.25
CA ARG B 77 16.84 -2.90 -5.12
C ARG B 77 15.35 -3.18 -5.13
N LEU B 78 14.93 -4.44 -5.02
CA LEU B 78 13.55 -4.84 -5.07
C LEU B 78 13.09 -5.28 -3.70
N LEU B 79 11.92 -4.81 -3.27
CA LEU B 79 11.35 -5.19 -1.99
C LEU B 79 9.86 -5.47 -2.17
N VAL B 80 9.35 -6.38 -1.34
CA VAL B 80 7.97 -6.83 -1.40
C VAL B 80 7.30 -6.51 -0.09
N SER B 81 6.04 -6.04 -0.16
CA SER B 81 5.27 -5.72 1.03
C SER B 81 3.86 -6.27 0.88
N ALA B 82 3.23 -6.56 2.02
CA ALA B 82 1.89 -7.11 2.06
C ALA B 82 0.98 -6.25 2.92
N SER B 83 -0.30 -6.25 2.58
CA SER B 83 -1.29 -5.47 3.29
C SER B 83 -2.57 -6.29 3.42
N GLN B 84 -3.46 -5.83 4.31
CA GLN B 84 -4.78 -6.43 4.41
C GLN B 84 -5.63 -6.17 3.17
N ASP B 85 -5.18 -5.27 2.28
CA ASP B 85 -5.85 -5.07 1.01
C ASP B 85 -5.84 -6.34 0.17
N GLY B 86 -4.92 -7.26 0.43
CA GLY B 86 -4.83 -8.49 -0.32
C GLY B 86 -3.95 -8.36 -1.55
N LYS B 87 -2.81 -7.70 -1.41
CA LYS B 87 -1.90 -7.47 -2.52
C LYS B 87 -0.46 -7.70 -2.07
N LEU B 88 0.36 -8.15 -3.01
CA LEU B 88 1.81 -8.14 -2.87
C LEU B 88 2.36 -7.29 -4.00
N ILE B 89 2.81 -6.09 -3.69
CA ILE B 89 3.41 -5.20 -4.67
C ILE B 89 4.92 -5.29 -4.53
N ILE B 90 5.59 -5.62 -5.62
CA ILE B 90 7.04 -5.74 -5.64
C ILE B 90 7.59 -4.38 -6.07
N TRP B 91 7.98 -3.56 -5.10
CA TRP B 91 8.43 -2.21 -5.37
C TRP B 91 9.82 -2.22 -6.00
N ASP B 92 10.21 -1.07 -6.54
CA ASP B 92 11.57 -0.80 -6.95
C ASP B 92 12.05 0.43 -6.21
N SER B 93 13.14 0.29 -5.44
CA SER B 93 13.55 1.36 -4.55
C SER B 93 14.14 2.53 -5.32
N TYR B 94 15.01 2.26 -6.29
CA TYR B 94 15.73 3.34 -6.96
C TYR B 94 14.81 4.22 -7.80
N THR B 95 13.59 3.76 -8.08
CA THR B 95 12.67 4.51 -8.93
C THR B 95 11.26 4.63 -8.35
N THR B 96 10.88 3.82 -7.37
CA THR B 96 9.55 3.83 -6.79
C THR B 96 8.50 3.27 -7.74
N ASN B 97 8.90 2.34 -8.60
CA ASN B 97 7.99 1.71 -9.54
C ASN B 97 7.41 0.42 -8.95
N LYS B 98 6.41 -0.12 -9.63
CA LYS B 98 5.73 -1.33 -9.21
C LYS B 98 6.00 -2.41 -10.25
N VAL B 99 6.96 -3.30 -9.96
CA VAL B 99 7.32 -4.34 -10.92
C VAL B 99 6.18 -5.33 -11.08
N HIS B 100 5.60 -5.80 -9.97
CA HIS B 100 4.54 -6.79 -9.98
C HIS B 100 3.47 -6.42 -8.97
N ALA B 101 2.25 -6.89 -9.24
CA ALA B 101 1.13 -6.78 -8.30
C ALA B 101 0.43 -8.13 -8.28
N ILE B 102 0.52 -8.84 -7.16
CA ILE B 102 0.05 -10.21 -7.05
C ILE B 102 -1.26 -10.18 -6.27
N PRO B 103 -2.40 -10.54 -6.87
CA PRO B 103 -3.66 -10.56 -6.11
C PRO B 103 -3.76 -11.82 -5.26
N LEU B 104 -3.80 -11.64 -3.94
CA LEU B 104 -3.79 -12.76 -3.02
C LEU B 104 -5.15 -13.46 -3.01
N ARG B 105 -5.18 -14.64 -2.38
CA ARG B 105 -6.40 -15.42 -2.25
C ARG B 105 -7.15 -15.08 -0.97
N SER B 106 -6.47 -15.14 0.17
CA SER B 106 -7.04 -14.78 1.47
C SER B 106 -6.43 -13.47 1.92
N SER B 107 -7.26 -12.44 2.07
CA SER B 107 -6.75 -11.11 2.37
C SER B 107 -6.01 -11.05 3.70
N TRP B 108 -6.27 -11.98 4.62
CA TRP B 108 -5.66 -11.94 5.96
C TRP B 108 -4.23 -12.43 5.85
N VAL B 109 -3.34 -11.51 5.47
CA VAL B 109 -1.92 -11.80 5.27
C VAL B 109 -1.13 -11.09 6.36
N MET B 110 -0.18 -11.81 6.96
CA MET B 110 0.64 -11.23 8.02
C MET B 110 2.11 -11.63 7.90
N THR B 111 2.60 -11.84 6.69
CA THR B 111 4.00 -12.21 6.52
C THR B 111 4.40 -12.09 5.06
N CYS B 112 5.71 -12.07 4.83
CA CYS B 112 6.28 -12.02 3.49
C CYS B 112 7.67 -12.60 3.53
N ALA B 113 8.18 -12.91 2.34
CA ALA B 113 9.52 -13.47 2.20
C ALA B 113 10.07 -13.08 0.83
N TYR B 114 11.29 -13.50 0.55
CA TYR B 114 11.88 -13.29 -0.76
C TYR B 114 13.08 -14.22 -0.86
N ALA B 115 13.11 -15.07 -1.88
CA ALA B 115 14.17 -16.06 -1.97
C ALA B 115 15.51 -15.38 -2.18
N PRO B 116 16.61 -16.03 -1.81
CA PRO B 116 17.92 -15.48 -2.16
C PRO B 116 18.05 -15.24 -3.65
N SER B 117 17.51 -16.13 -4.47
CA SER B 117 17.27 -15.82 -5.87
C SER B 117 15.98 -15.01 -5.98
N GLY B 118 15.79 -14.36 -7.12
CA GLY B 118 14.69 -13.42 -7.26
C GLY B 118 13.42 -14.02 -7.82
N ASN B 119 13.29 -15.34 -7.79
CA ASN B 119 12.20 -16.04 -8.47
C ASN B 119 11.32 -16.84 -7.52
N TYR B 120 11.07 -16.33 -6.32
CA TYR B 120 10.12 -16.95 -5.41
C TYR B 120 9.74 -15.95 -4.33
N VAL B 121 8.47 -15.98 -3.93
CA VAL B 121 7.96 -15.12 -2.87
C VAL B 121 6.78 -15.82 -2.22
N ALA B 122 6.69 -15.73 -0.89
CA ALA B 122 5.68 -16.45 -0.13
C ALA B 122 5.05 -15.56 0.92
N CYS B 123 3.77 -15.81 1.21
CA CYS B 123 3.06 -15.05 2.23
C CYS B 123 1.79 -15.78 2.62
N GLY B 124 1.66 -16.13 3.89
CA GLY B 124 0.42 -16.66 4.42
C GLY B 124 0.14 -16.20 5.83
N GLY B 125 -0.99 -15.52 6.04
CA GLY B 125 -1.24 -14.91 7.34
C GLY B 125 -2.17 -15.65 8.29
N LEU B 126 -3.37 -15.98 7.84
CA LEU B 126 -4.41 -16.41 8.75
C LEU B 126 -5.21 -17.61 8.27
N ASP B 127 -4.91 -18.15 7.09
CA ASP B 127 -5.56 -19.36 6.61
C ASP B 127 -4.78 -20.62 6.97
N ASN B 128 -3.72 -20.49 7.77
CA ASN B 128 -2.87 -21.59 8.21
C ASN B 128 -2.01 -22.15 7.08
N ILE B 129 -2.03 -21.53 5.91
CA ILE B 129 -1.29 -22.03 4.76
C ILE B 129 -0.42 -20.90 4.21
N CYS B 130 0.81 -21.22 3.82
CA CYS B 130 1.69 -20.29 3.16
C CYS B 130 1.77 -20.64 1.68
N SER B 131 1.48 -19.66 0.82
CA SER B 131 1.55 -19.86 -0.61
C SER B 131 2.96 -19.55 -1.10
N ILE B 132 3.39 -20.27 -2.14
CA ILE B 132 4.66 -20.05 -2.80
C ILE B 132 4.38 -19.61 -4.22
N TYR B 133 4.89 -18.45 -4.60
CA TYR B 133 4.62 -17.88 -5.91
C TYR B 133 5.85 -18.02 -6.81
N ASN B 134 5.60 -18.08 -8.11
CA ASN B 134 6.65 -18.18 -9.12
C ASN B 134 6.67 -16.91 -9.94
N LEU B 135 7.83 -16.27 -10.03
CA LEU B 135 7.98 -15.02 -10.77
C LEU B 135 8.62 -15.23 -12.13
N LYS B 136 9.68 -16.04 -12.21
CA LYS B 136 10.36 -16.30 -13.47
C LYS B 136 9.66 -17.46 -14.17
N THR B 137 8.54 -17.13 -14.82
CA THR B 137 7.69 -18.12 -15.48
C THR B 137 7.55 -17.77 -16.95
N ARG B 138 7.47 -18.82 -17.78
CA ARG B 138 7.40 -18.61 -19.23
C ARG B 138 6.15 -17.85 -19.63
N GLU B 139 5.00 -18.20 -19.05
CA GLU B 139 3.75 -17.57 -19.45
C GLU B 139 3.74 -16.07 -19.21
N GLY B 140 4.59 -15.58 -18.32
CA GLY B 140 4.74 -14.17 -18.07
C GLY B 140 3.90 -13.63 -16.93
N ASN B 141 3.02 -14.43 -16.35
CA ASN B 141 2.18 -13.98 -15.24
C ASN B 141 2.56 -14.74 -13.98
N VAL B 142 2.79 -13.99 -12.89
CA VAL B 142 3.06 -14.61 -11.60
C VAL B 142 1.90 -15.52 -11.23
N ARG B 143 2.22 -16.72 -10.74
CA ARG B 143 1.23 -17.74 -10.49
C ARG B 143 1.63 -18.56 -9.27
N VAL B 144 0.62 -18.99 -8.50
CA VAL B 144 0.89 -19.78 -7.31
C VAL B 144 1.54 -21.10 -7.71
N SER B 145 2.48 -21.56 -6.88
CA SER B 145 3.22 -22.78 -7.15
C SER B 145 2.89 -23.92 -6.21
N ARG B 146 2.64 -23.62 -4.94
CA ARG B 146 2.26 -24.65 -3.97
C ARG B 146 1.41 -24.00 -2.88
N GLU B 147 0.95 -24.83 -1.95
CA GLU B 147 0.17 -24.35 -0.81
C GLU B 147 0.42 -25.33 0.34
N LEU B 148 1.18 -24.89 1.33
CA LEU B 148 1.58 -25.75 2.44
C LEU B 148 0.57 -25.60 3.57
N ALA B 149 -0.15 -26.68 3.89
CA ALA B 149 -1.30 -26.60 4.77
C ALA B 149 -1.24 -27.60 5.92
N GLY B 150 -0.10 -27.68 6.63
CA GLY B 150 0.01 -28.63 7.72
C GLY B 150 -0.29 -28.01 9.08
N HIS B 151 -0.16 -26.70 9.21
CA HIS B 151 -0.30 -26.06 10.50
C HIS B 151 -1.76 -26.05 10.95
N THR B 152 -1.96 -25.79 12.25
CA THR B 152 -3.29 -25.73 12.85
C THR B 152 -3.56 -24.38 13.49
N GLY B 153 -2.78 -23.35 13.16
CA GLY B 153 -2.99 -22.04 13.72
C GLY B 153 -2.48 -20.99 12.78
N TYR B 154 -2.85 -19.74 13.06
CA TYR B 154 -2.47 -18.64 12.18
C TYR B 154 -0.95 -18.61 12.04
N LEU B 155 -0.50 -18.39 10.80
CA LEU B 155 0.91 -18.40 10.49
C LEU B 155 1.51 -17.02 10.72
N SER B 156 2.61 -16.98 11.48
CA SER B 156 3.19 -15.71 11.92
C SER B 156 4.29 -15.22 10.99
N CYS B 157 5.36 -16.01 10.83
CA CYS B 157 6.51 -15.60 10.04
C CYS B 157 7.03 -16.79 9.24
N CYS B 158 7.62 -16.50 8.09
CA CYS B 158 8.10 -17.54 7.18
C CYS B 158 9.22 -16.97 6.33
N ARG B 159 10.38 -17.62 6.34
CA ARG B 159 11.54 -17.19 5.57
C ARG B 159 12.03 -18.32 4.68
N PHE B 160 12.40 -17.98 3.45
CA PHE B 160 13.03 -18.97 2.57
C PHE B 160 14.45 -19.27 3.03
N LEU B 161 14.81 -20.55 2.94
CA LEU B 161 16.16 -21.03 3.17
C LEU B 161 16.96 -21.09 1.86
N ASP B 162 16.39 -21.75 0.86
CA ASP B 162 16.96 -21.83 -0.49
C ASP B 162 15.82 -21.61 -1.47
N ASP B 163 16.05 -21.92 -2.74
CA ASP B 163 14.96 -21.93 -3.70
C ASP B 163 13.88 -22.93 -3.28
N ASN B 164 14.23 -23.91 -2.45
CA ASN B 164 13.27 -24.78 -1.79
C ASN B 164 13.52 -24.77 -0.30
N GLN B 165 12.82 -25.61 0.45
CA GLN B 165 13.02 -25.74 1.90
C GLN B 165 12.73 -24.43 2.62
N ILE B 166 11.46 -24.03 2.58
CA ILE B 166 11.01 -22.88 3.35
C ILE B 166 10.89 -23.26 4.83
N VAL B 167 10.94 -22.24 5.69
CA VAL B 167 10.76 -22.40 7.12
C VAL B 167 9.56 -21.56 7.55
N THR B 168 8.86 -22.04 8.58
CA THR B 168 7.65 -21.37 9.04
C THR B 168 7.49 -21.56 10.55
N SER B 169 6.75 -20.63 11.16
CA SER B 169 6.37 -20.74 12.56
C SER B 169 4.96 -20.21 12.71
N SER B 170 4.06 -21.05 13.21
CA SER B 170 2.63 -20.77 13.22
C SER B 170 2.15 -20.48 14.64
N GLY B 171 0.84 -20.29 14.75
CA GLY B 171 0.21 -19.94 16.01
C GLY B 171 -0.14 -21.12 16.89
N ASP B 172 0.23 -22.34 16.50
CA ASP B 172 0.00 -23.53 17.31
C ASP B 172 1.26 -23.99 18.02
N THR B 173 2.26 -23.12 18.14
CA THR B 173 3.50 -23.43 18.86
C THR B 173 4.30 -24.52 18.13
N THR B 174 4.57 -24.29 16.85
CA THR B 174 5.32 -25.26 16.06
C THR B 174 6.08 -24.53 14.96
N CYS B 175 7.10 -25.21 14.44
CA CYS B 175 7.82 -24.77 13.25
C CYS B 175 8.05 -25.97 12.36
N ALA B 176 8.16 -25.74 11.05
CA ALA B 176 7.97 -26.79 10.07
C ALA B 176 9.24 -27.19 9.32
N LEU B 177 9.91 -26.25 8.66
CA LEU B 177 10.99 -26.59 7.72
C LEU B 177 10.45 -27.48 6.61
N TRP B 178 9.58 -26.87 5.80
CA TRP B 178 8.86 -27.60 4.76
C TRP B 178 9.82 -28.06 3.66
N ASP B 179 9.25 -28.74 2.68
CA ASP B 179 9.95 -29.14 1.45
C ASP B 179 9.04 -28.79 0.29
N ILE B 180 9.44 -27.79 -0.50
CA ILE B 180 8.53 -27.24 -1.50
C ILE B 180 8.20 -28.27 -2.59
N GLU B 181 9.18 -29.11 -2.95
CA GLU B 181 8.95 -30.04 -4.06
C GLU B 181 7.82 -31.01 -3.75
N THR B 182 7.78 -31.55 -2.52
CA THR B 182 6.80 -32.55 -2.13
C THR B 182 5.66 -31.99 -1.28
N GLY B 183 5.73 -30.71 -0.90
CA GLY B 183 4.68 -30.14 -0.08
C GLY B 183 4.46 -30.88 1.22
N GLN B 184 5.55 -31.32 1.87
CA GLN B 184 5.48 -32.16 3.06
C GLN B 184 6.32 -31.55 4.16
N GLN B 185 5.86 -31.74 5.40
CA GLN B 185 6.61 -31.31 6.57
C GLN B 185 7.77 -32.28 6.80
N THR B 186 8.94 -31.95 6.28
CA THR B 186 10.09 -32.83 6.45
C THR B 186 10.42 -32.99 7.93
N THR B 187 10.39 -31.89 8.69
CA THR B 187 10.69 -31.89 10.11
C THR B 187 9.59 -31.10 10.82
N THR B 188 9.57 -31.20 12.14
CA THR B 188 8.63 -30.42 12.94
C THR B 188 9.30 -30.07 14.26
N PHE B 189 9.41 -28.77 14.55
CA PHE B 189 10.02 -28.30 15.78
C PHE B 189 8.89 -27.96 16.74
N THR B 190 8.85 -28.62 17.91
CA THR B 190 7.77 -28.40 18.85
C THR B 190 8.31 -28.60 20.27
N GLY B 191 8.63 -27.49 20.93
CA GLY B 191 8.99 -27.52 22.33
C GLY B 191 8.52 -26.29 23.08
N HIS B 192 7.73 -25.45 22.43
CA HIS B 192 7.34 -24.16 22.99
C HIS B 192 6.07 -24.29 23.81
N THR B 193 6.03 -23.59 24.94
CA THR B 193 4.87 -23.64 25.83
C THR B 193 3.70 -22.81 25.31
N GLY B 194 3.98 -21.72 24.61
CA GLY B 194 2.93 -20.83 24.14
C GLY B 194 3.04 -20.46 22.68
N ASP B 195 2.25 -19.48 22.26
CA ASP B 195 2.21 -19.08 20.86
C ASP B 195 3.57 -18.55 20.41
N VAL B 196 3.92 -18.83 19.16
CA VAL B 196 5.17 -18.40 18.55
C VAL B 196 4.88 -17.24 17.61
N MET B 197 5.69 -16.18 17.72
CA MET B 197 5.37 -14.91 17.06
C MET B 197 6.37 -14.48 15.99
N SER B 198 7.58 -15.03 15.96
CA SER B 198 8.51 -14.61 14.91
C SER B 198 9.79 -15.45 14.99
N LEU B 199 10.46 -15.55 13.85
CA LEU B 199 11.74 -16.25 13.74
C LEU B 199 12.63 -15.51 12.77
N SER B 200 13.88 -15.95 12.69
CA SER B 200 14.87 -15.33 11.81
C SER B 200 15.94 -16.35 11.49
N LEU B 201 16.43 -16.32 10.25
CA LEU B 201 17.50 -17.23 9.84
C LEU B 201 18.85 -16.59 10.10
N ALA B 202 19.83 -17.43 10.42
CA ALA B 202 21.18 -16.96 10.67
C ALA B 202 21.87 -16.63 9.36
N PRO B 203 22.95 -15.83 9.41
CA PRO B 203 23.67 -15.47 8.17
C PRO B 203 23.92 -16.69 7.30
N ASP B 204 24.51 -17.72 7.89
CA ASP B 204 24.46 -19.04 7.29
C ASP B 204 23.20 -19.76 7.76
N THR B 205 22.66 -20.62 6.91
CA THR B 205 21.39 -21.28 7.16
C THR B 205 21.52 -22.50 8.08
N ARG B 206 22.61 -22.61 8.83
CA ARG B 206 22.83 -23.79 9.66
C ARG B 206 21.76 -23.91 10.74
N LEU B 207 21.41 -22.81 11.41
CA LEU B 207 20.50 -22.86 12.54
C LEU B 207 19.80 -21.51 12.67
N PHE B 208 18.63 -21.54 13.31
CA PHE B 208 17.76 -20.38 13.42
C PHE B 208 17.19 -20.30 14.83
N VAL B 209 16.45 -19.22 15.09
CA VAL B 209 15.85 -18.98 16.40
C VAL B 209 14.40 -18.58 16.23
N SER B 210 13.63 -18.74 17.30
CA SER B 210 12.22 -18.40 17.30
C SER B 210 11.85 -17.73 18.62
N GLY B 211 10.85 -16.87 18.57
CA GLY B 211 10.35 -16.21 19.76
C GLY B 211 9.28 -17.04 20.43
N ALA B 212 8.48 -16.37 21.25
CA ALA B 212 7.36 -17.01 21.95
C ALA B 212 6.57 -15.91 22.65
N CYS B 213 5.38 -16.29 23.13
CA CYS B 213 4.54 -15.39 23.89
C CYS B 213 4.70 -15.57 25.40
N ASP B 214 5.60 -16.45 25.83
CA ASP B 214 5.88 -16.66 27.25
C ASP B 214 7.18 -15.98 27.69
N ALA B 215 7.59 -14.93 26.98
CA ALA B 215 8.80 -14.19 27.33
C ALA B 215 10.01 -15.11 27.35
N SER B 216 10.17 -15.90 26.28
CA SER B 216 11.30 -16.80 26.15
C SER B 216 11.63 -16.98 24.68
N ALA B 217 12.87 -17.36 24.42
CA ALA B 217 13.35 -17.61 23.06
C ALA B 217 14.14 -18.91 23.05
N LYS B 218 14.06 -19.62 21.92
CA LYS B 218 14.73 -20.90 21.76
C LYS B 218 15.58 -20.88 20.49
N LEU B 219 16.71 -21.57 20.55
CA LEU B 219 17.63 -21.71 19.42
C LEU B 219 17.46 -23.11 18.85
N TRP B 220 16.82 -23.20 17.69
CA TRP B 220 16.57 -24.49 17.06
C TRP B 220 17.83 -24.95 16.33
N ASP B 221 17.73 -26.13 15.71
CA ASP B 221 18.76 -26.62 14.79
C ASP B 221 18.05 -27.06 13.53
N VAL B 222 18.46 -26.50 12.39
CA VAL B 222 17.71 -26.69 11.14
C VAL B 222 17.68 -28.17 10.76
N ARG B 223 18.83 -28.83 10.84
CA ARG B 223 18.91 -30.21 10.34
C ARG B 223 18.20 -31.18 11.26
N GLU B 224 18.67 -31.29 12.50
CA GLU B 224 18.10 -32.23 13.48
C GLU B 224 17.25 -31.44 14.47
N GLY B 225 16.02 -31.90 14.68
CA GLY B 225 15.05 -31.10 15.40
C GLY B 225 15.10 -31.22 16.91
N MET B 226 15.69 -30.22 17.55
CA MET B 226 15.63 -30.09 19.00
C MET B 226 16.20 -28.73 19.38
N CYS B 227 15.62 -28.13 20.41
CA CYS B 227 16.11 -26.85 20.90
C CYS B 227 17.45 -27.04 21.60
N ARG B 228 18.42 -26.18 21.30
CA ARG B 228 19.74 -26.28 21.89
C ARG B 228 19.91 -25.41 23.12
N GLN B 229 19.32 -24.22 23.12
CA GLN B 229 19.43 -23.30 24.24
C GLN B 229 18.12 -22.55 24.41
N THR B 230 17.85 -22.12 25.64
CA THR B 230 16.63 -21.39 25.97
C THR B 230 16.99 -20.24 26.90
N PHE B 231 16.73 -19.02 26.45
CA PHE B 231 17.03 -17.81 27.22
C PHE B 231 15.73 -17.21 27.73
N THR B 232 15.62 -17.09 29.05
CA THR B 232 14.40 -16.62 29.70
C THR B 232 14.64 -15.36 30.51
N GLY B 233 15.52 -14.48 30.03
CA GLY B 233 15.77 -13.23 30.69
C GLY B 233 14.76 -12.15 30.39
N HIS B 234 13.75 -12.45 29.57
CA HIS B 234 12.77 -11.47 29.14
C HIS B 234 11.58 -11.47 30.08
N GLU B 235 10.64 -10.54 29.83
CA GLU B 235 9.59 -10.23 30.79
C GLU B 235 8.20 -10.61 30.30
N SER B 236 7.75 -10.07 29.16
CA SER B 236 6.34 -10.14 28.78
C SER B 236 6.10 -10.98 27.54
N ASP B 237 6.69 -10.63 26.40
CA ASP B 237 6.35 -11.25 25.13
C ASP B 237 7.54 -11.17 24.19
N ILE B 238 7.34 -11.64 22.96
CA ILE B 238 8.30 -11.52 21.88
C ILE B 238 7.55 -11.10 20.63
N ASN B 239 8.02 -10.04 19.97
CA ASN B 239 7.38 -9.54 18.77
C ASN B 239 8.31 -9.44 17.58
N ALA B 240 9.60 -9.71 17.75
CA ALA B 240 10.54 -9.64 16.64
C ALA B 240 11.87 -10.20 17.06
N ILE B 241 12.53 -10.92 16.15
CA ILE B 241 13.88 -11.43 16.34
C ILE B 241 14.68 -11.12 15.08
N CYS B 242 16.00 -11.00 15.25
CA CYS B 242 16.90 -10.84 14.12
C CYS B 242 18.34 -11.03 14.53
N PHE B 243 19.09 -11.86 13.80
CA PHE B 243 20.49 -12.10 14.14
C PHE B 243 21.37 -10.88 13.92
N PHE B 244 22.20 -10.61 14.91
CA PHE B 244 23.33 -9.71 14.74
C PHE B 244 24.27 -10.29 13.69
N PRO B 245 24.90 -9.47 12.85
CA PRO B 245 25.83 -10.02 11.86
C PRO B 245 26.91 -10.84 12.54
N ASN B 246 27.34 -11.90 11.86
CA ASN B 246 28.20 -12.96 12.38
C ASN B 246 27.34 -13.97 13.13
N GLY B 247 26.03 -13.75 13.25
CA GLY B 247 25.13 -14.71 13.85
C GLY B 247 25.42 -15.20 15.26
N ASN B 248 25.77 -14.28 16.16
CA ASN B 248 26.03 -14.64 17.55
C ASN B 248 25.20 -14.00 18.65
N ALA B 249 24.40 -12.97 18.38
CA ALA B 249 23.70 -12.24 19.42
C ALA B 249 22.18 -12.32 19.25
N PHE B 250 21.68 -11.98 18.06
CA PHE B 250 20.25 -12.03 17.73
C PHE B 250 19.44 -11.25 18.76
N ALA B 251 19.62 -9.93 18.71
CA ALA B 251 18.81 -9.03 19.51
C ALA B 251 17.32 -9.26 19.33
N THR B 252 16.59 -9.25 20.44
CA THR B 252 15.18 -9.61 20.48
C THR B 252 14.27 -8.41 20.72
N GLY B 253 13.13 -8.41 20.05
CA GLY B 253 12.13 -7.38 20.26
C GLY B 253 11.47 -7.54 21.62
N SER B 254 10.30 -6.94 21.81
CA SER B 254 9.59 -7.05 23.08
C SER B 254 8.25 -6.36 22.97
N ASP B 255 7.42 -6.56 23.99
CA ASP B 255 6.21 -5.78 24.20
C ASP B 255 6.23 -5.07 25.55
N ASP B 256 7.33 -5.15 26.28
CA ASP B 256 7.51 -4.43 27.54
C ASP B 256 8.33 -3.16 27.36
N ALA B 257 8.54 -2.72 26.12
CA ALA B 257 9.28 -1.50 25.83
C ALA B 257 10.77 -1.63 26.15
N THR B 258 11.32 -2.84 26.05
CA THR B 258 12.71 -3.10 26.41
C THR B 258 13.29 -4.12 25.43
N CYS B 259 14.01 -3.63 24.42
CA CYS B 259 14.77 -4.53 23.56
C CYS B 259 15.92 -5.14 24.35
N ARG B 260 16.34 -6.34 23.94
CA ARG B 260 17.45 -7.03 24.56
C ARG B 260 18.24 -7.75 23.47
N LEU B 261 19.48 -8.11 23.82
CA LEU B 261 20.29 -8.96 22.95
C LEU B 261 21.04 -9.95 23.82
N PHE B 262 20.86 -11.23 23.52
CA PHE B 262 21.53 -12.29 24.26
C PHE B 262 22.80 -12.70 23.52
N ASP B 263 23.57 -13.59 24.15
CA ASP B 263 24.78 -14.14 23.55
C ASP B 263 24.55 -15.62 23.30
N LEU B 264 24.66 -16.02 22.04
CA LEU B 264 24.39 -17.41 21.68
C LEU B 264 25.37 -18.35 22.34
N ARG B 265 26.59 -17.89 22.61
CA ARG B 265 27.63 -18.71 23.22
C ARG B 265 27.68 -18.58 24.74
N ALA B 266 27.56 -17.35 25.26
CA ALA B 266 27.54 -17.17 26.71
C ALA B 266 26.22 -17.58 27.33
N ASP B 267 25.14 -17.60 26.55
CA ASP B 267 23.84 -18.09 27.01
C ASP B 267 23.31 -17.25 28.18
N GLN B 268 23.09 -15.96 27.91
CA GLN B 268 22.55 -15.06 28.90
C GLN B 268 22.30 -13.70 28.25
N GLU B 269 21.27 -13.01 28.74
CA GLU B 269 21.00 -11.65 28.27
C GLU B 269 22.16 -10.74 28.67
N LEU B 270 22.40 -9.71 27.87
CA LEU B 270 23.63 -8.93 27.99
C LEU B 270 23.38 -7.46 28.34
N MET B 271 22.52 -6.76 27.59
CA MET B 271 22.43 -5.31 27.72
C MET B 271 21.08 -4.81 28.19
N THR B 272 19.97 -5.27 27.60
CA THR B 272 18.64 -4.82 28.00
C THR B 272 18.48 -3.31 27.78
N TYR B 273 18.50 -2.94 26.51
CA TYR B 273 18.26 -1.55 26.14
C TYR B 273 16.91 -1.09 26.66
N SER B 274 16.86 0.14 27.17
CA SER B 274 15.61 0.68 27.71
C SER B 274 15.74 2.19 27.87
N HIS B 275 14.58 2.85 27.92
CA HIS B 275 14.49 4.28 28.20
C HIS B 275 13.19 4.54 28.93
N ASP B 276 13.26 5.37 29.98
CA ASP B 276 12.10 5.59 30.83
C ASP B 276 10.96 6.26 30.07
N ASN B 277 11.29 7.22 29.21
CA ASN B 277 10.25 8.04 28.58
C ASN B 277 9.31 7.20 27.73
N ILE B 278 9.78 6.10 27.16
CA ILE B 278 9.02 5.32 26.20
C ILE B 278 8.40 4.13 26.91
N ILE B 279 7.07 4.00 26.81
CA ILE B 279 6.35 2.82 27.28
C ILE B 279 5.44 2.37 26.13
N CYS B 280 5.96 1.47 25.29
CA CYS B 280 5.23 0.96 24.14
C CYS B 280 5.83 -0.38 23.77
N GLY B 281 5.12 -1.12 22.92
CA GLY B 281 5.55 -2.43 22.48
C GLY B 281 6.37 -2.35 21.22
N ILE B 282 7.59 -2.90 21.28
CA ILE B 282 8.41 -2.97 20.08
C ILE B 282 7.78 -3.94 19.10
N THR B 283 7.91 -3.62 17.81
CA THR B 283 7.26 -4.39 16.76
C THR B 283 8.21 -4.92 15.70
N SER B 284 9.48 -4.50 15.69
CA SER B 284 10.43 -5.00 14.71
C SER B 284 11.82 -4.56 15.13
N VAL B 285 12.82 -5.33 14.71
CA VAL B 285 14.21 -5.02 14.99
C VAL B 285 15.07 -5.58 13.88
N SER B 286 16.15 -4.87 13.54
CA SER B 286 17.07 -5.35 12.52
C SER B 286 18.39 -4.60 12.65
N PHE B 287 19.45 -5.32 12.97
CA PHE B 287 20.75 -4.69 13.10
C PHE B 287 21.16 -4.03 11.78
N SER B 288 22.23 -3.24 11.86
CA SER B 288 22.77 -2.58 10.68
C SER B 288 23.88 -3.44 10.06
N LYS B 289 24.41 -2.98 8.93
CA LYS B 289 25.39 -3.78 8.20
C LYS B 289 26.64 -4.02 9.04
N SER B 290 27.12 -3.01 9.74
CA SER B 290 28.33 -3.12 10.54
C SER B 290 28.06 -3.64 11.94
N GLY B 291 26.81 -3.93 12.28
CA GLY B 291 26.52 -4.40 13.63
C GLY B 291 26.83 -3.37 14.69
N ARG B 292 26.68 -2.09 14.36
CA ARG B 292 26.86 -1.00 15.31
C ARG B 292 25.55 -0.36 15.72
N LEU B 293 24.60 -0.23 14.80
CA LEU B 293 23.29 0.32 15.08
C LEU B 293 22.30 -0.80 15.33
N LEU B 294 21.35 -0.54 16.22
CA LEU B 294 20.21 -1.43 16.45
C LEU B 294 18.95 -0.63 16.23
N LEU B 295 18.26 -0.91 15.12
CA LEU B 295 17.03 -0.23 14.76
C LEU B 295 15.86 -0.95 15.41
N ALA B 296 14.83 -0.19 15.79
CA ALA B 296 13.66 -0.77 16.43
C ALA B 296 12.44 0.10 16.17
N GLY B 297 11.44 -0.48 15.52
CA GLY B 297 10.17 0.19 15.31
C GLY B 297 9.31 0.07 16.56
N TYR B 298 8.70 1.18 16.94
CA TYR B 298 7.94 1.25 18.18
C TYR B 298 6.47 1.47 17.89
N ASP B 299 5.64 1.08 18.86
CA ASP B 299 4.22 1.34 18.80
C ASP B 299 3.86 2.79 19.06
N ASP B 300 4.83 3.61 19.45
CA ASP B 300 4.63 5.01 19.78
C ASP B 300 4.60 5.92 18.55
N PHE B 301 4.35 5.36 17.37
CA PHE B 301 4.18 6.06 16.09
C PHE B 301 5.50 6.50 15.49
N ASN B 302 6.63 6.32 16.16
CA ASN B 302 7.93 6.71 15.63
C ASN B 302 8.96 5.64 15.96
N CYS B 303 9.97 5.54 15.10
CA CYS B 303 11.01 4.53 15.25
C CYS B 303 12.13 5.09 16.12
N ASN B 304 13.25 4.37 16.21
CA ASN B 304 14.38 4.80 17.00
C ASN B 304 15.63 4.08 16.48
N VAL B 305 16.79 4.63 16.83
CA VAL B 305 18.08 4.07 16.43
C VAL B 305 18.95 4.03 17.67
N TRP B 306 19.32 2.82 18.10
CA TRP B 306 20.13 2.64 19.29
C TRP B 306 21.60 2.46 18.91
N ASP B 307 22.46 2.45 19.92
CA ASP B 307 23.88 2.15 19.76
C ASP B 307 24.13 0.75 20.29
N ALA B 308 24.49 -0.17 19.40
CA ALA B 308 24.56 -1.57 19.77
C ALA B 308 25.58 -1.84 20.86
N LEU B 309 26.59 -0.97 21.02
CA LEU B 309 27.70 -1.24 21.92
C LEU B 309 27.70 -0.36 23.17
N LYS B 310 26.91 0.72 23.21
CA LYS B 310 26.84 1.58 24.37
C LYS B 310 25.44 1.73 24.93
N ALA B 311 24.40 1.42 24.16
CA ALA B 311 22.99 1.47 24.54
C ALA B 311 22.44 2.89 24.51
N ASP B 312 23.24 3.91 24.21
CA ASP B 312 22.72 5.27 24.15
C ASP B 312 21.79 5.42 22.97
N ARG B 313 20.75 6.23 23.15
CA ARG B 313 19.83 6.54 22.07
C ARG B 313 20.51 7.40 21.02
N ALA B 314 19.87 7.52 19.87
CA ALA B 314 20.40 8.33 18.78
C ALA B 314 19.20 8.91 18.03
N GLY B 315 19.45 9.40 16.81
CA GLY B 315 18.44 10.13 16.07
C GLY B 315 17.12 9.42 15.95
N VAL B 316 16.03 10.16 16.17
CA VAL B 316 14.69 9.62 16.04
C VAL B 316 14.23 9.71 14.59
N LEU B 317 13.31 8.83 14.22
CA LEU B 317 12.76 8.76 12.88
C LEU B 317 11.25 8.95 13.01
N ALA B 318 10.80 10.21 13.03
CA ALA B 318 9.43 10.55 13.36
C ALA B 318 8.60 10.86 12.11
N GLY B 319 8.90 10.16 11.01
CA GLY B 319 8.27 10.27 9.70
C GLY B 319 6.83 9.77 9.68
N HIS B 320 6.57 8.68 10.38
CA HIS B 320 5.31 7.96 10.22
C HIS B 320 4.21 8.55 11.08
N ASP B 321 2.97 8.12 10.79
CA ASP B 321 1.78 8.57 11.51
C ASP B 321 1.32 7.55 12.53
N ASN B 322 1.02 6.32 12.09
CA ASN B 322 0.58 5.26 12.98
C ASN B 322 1.74 4.34 13.34
N ARG B 323 1.44 3.27 14.07
CA ARG B 323 2.49 2.42 14.60
C ARG B 323 3.31 1.80 13.47
N VAL B 324 4.59 1.59 13.75
CA VAL B 324 5.49 0.95 12.80
C VAL B 324 5.38 -0.56 12.96
N SER B 325 5.20 -1.26 11.84
CA SER B 325 5.01 -2.71 11.86
C SER B 325 6.22 -3.49 11.40
N CYS B 326 6.97 -3.00 10.42
CA CYS B 326 8.04 -3.78 9.82
C CYS B 326 9.10 -2.85 9.27
N LEU B 327 10.36 -3.29 9.37
CA LEU B 327 11.48 -2.54 8.81
C LEU B 327 12.67 -3.47 8.65
N GLY B 328 13.52 -3.15 7.68
CA GLY B 328 14.68 -3.98 7.40
C GLY B 328 15.81 -3.29 6.67
N VAL B 329 17.03 -3.43 7.19
CA VAL B 329 18.20 -2.88 6.52
C VAL B 329 18.55 -3.73 5.32
N THR B 330 19.00 -3.08 4.24
CA THR B 330 19.34 -3.82 3.04
C THR B 330 20.54 -4.72 3.28
N ASP B 331 20.87 -5.53 2.27
CA ASP B 331 22.02 -6.42 2.39
C ASP B 331 23.32 -5.62 2.52
N ASP B 332 23.48 -4.57 1.70
CA ASP B 332 24.68 -3.76 1.75
C ASP B 332 24.59 -2.60 2.73
N GLY B 333 23.43 -2.35 3.31
CA GLY B 333 23.28 -1.30 4.30
C GLY B 333 23.12 0.10 3.73
N MET B 334 22.62 0.23 2.52
CA MET B 334 22.46 1.52 1.87
C MET B 334 21.12 2.19 2.17
N ALA B 335 20.21 1.52 2.85
CA ALA B 335 18.89 2.08 3.08
C ALA B 335 18.23 1.41 4.28
N VAL B 336 17.18 2.03 4.77
CA VAL B 336 16.36 1.52 5.86
C VAL B 336 14.90 1.80 5.51
N ALA B 337 14.14 0.75 5.25
CA ALA B 337 12.73 0.88 4.92
C ALA B 337 11.87 0.53 6.12
N THR B 338 10.80 1.29 6.31
CA THR B 338 9.85 1.05 7.40
C THR B 338 8.44 1.07 6.84
N GLY B 339 7.56 0.29 7.46
CA GLY B 339 6.18 0.23 7.05
C GLY B 339 5.21 0.31 8.21
N SER B 340 4.33 1.31 8.19
CA SER B 340 3.41 1.55 9.29
C SER B 340 1.98 1.36 8.82
N TRP B 341 1.07 1.23 9.78
CA TRP B 341 -0.34 1.06 9.47
C TRP B 341 -0.92 2.25 8.71
N ASP B 342 -0.16 3.32 8.54
CA ASP B 342 -0.57 4.41 7.66
C ASP B 342 -0.62 4.00 6.20
N SER B 343 -0.04 2.84 5.86
CA SER B 343 -0.04 2.33 4.49
C SER B 343 0.96 3.08 3.61
N PHE B 344 2.05 3.57 4.19
CA PHE B 344 3.12 4.23 3.45
C PHE B 344 4.44 3.60 3.82
N LEU B 345 5.21 3.18 2.82
CA LEU B 345 6.58 2.72 3.01
C LEU B 345 7.53 3.88 2.79
N LYS B 346 8.44 4.11 3.73
CA LYS B 346 9.40 5.20 3.67
C LYS B 346 10.80 4.61 3.65
N ILE B 347 11.56 4.90 2.60
CA ILE B 347 12.91 4.40 2.44
C ILE B 347 13.85 5.47 2.96
N TRP B 348 14.27 5.35 4.21
CA TRP B 348 15.17 6.31 4.81
C TRP B 348 16.59 6.05 4.31
N ASN B 349 17.54 6.83 4.81
CA ASN B 349 18.94 6.68 4.41
C ASN B 349 19.85 7.54 5.28
N ILE C 9 3.51 -37.39 32.70
CA ILE C 9 4.81 -37.97 33.02
C ILE C 9 5.68 -38.01 31.76
N ALA C 10 5.05 -38.34 30.63
CA ALA C 10 5.77 -38.32 29.36
C ALA C 10 6.28 -36.91 29.05
N GLN C 11 5.46 -35.90 29.30
CA GLN C 11 5.91 -34.52 29.17
C GLN C 11 7.07 -34.25 30.13
N ALA C 12 6.99 -34.79 31.34
CA ALA C 12 8.10 -34.65 32.28
C ALA C 12 9.36 -35.31 31.76
N ARG C 13 9.23 -36.50 31.16
CA ARG C 13 10.38 -37.18 30.59
C ARG C 13 11.01 -36.34 29.47
N LYS C 14 10.17 -35.81 28.59
CA LYS C 14 10.69 -34.97 27.51
C LYS C 14 11.39 -33.74 28.08
N LEU C 15 10.80 -33.12 29.09
CA LEU C 15 11.40 -31.92 29.68
C LEU C 15 12.75 -32.23 30.31
N VAL C 16 12.84 -33.33 31.06
CA VAL C 16 14.11 -33.67 31.70
C VAL C 16 15.17 -33.99 30.66
N GLU C 17 14.81 -34.73 29.62
CA GLU C 17 15.78 -35.03 28.57
C GLU C 17 16.27 -33.76 27.89
N GLN C 18 15.34 -32.85 27.57
CA GLN C 18 15.73 -31.61 26.92
C GLN C 18 16.63 -30.77 27.81
N LEU C 19 16.31 -30.70 29.10
CA LEU C 19 17.16 -29.96 30.03
C LEU C 19 18.54 -30.59 30.14
N LYS C 20 18.61 -31.92 30.20
CA LYS C 20 19.90 -32.58 30.28
C LYS C 20 20.74 -32.28 29.05
N MET C 21 20.13 -32.32 27.87
CA MET C 21 20.88 -32.00 26.65
C MET C 21 21.31 -30.54 26.64
N GLU C 22 20.44 -29.64 27.10
CA GLU C 22 20.69 -28.21 27.06
C GLU C 22 21.71 -27.76 28.10
N ALA C 23 21.86 -28.53 29.18
CA ALA C 23 22.72 -28.06 30.30
C ALA C 23 24.19 -28.38 30.04
N ASN C 24 24.47 -29.45 29.29
CA ASN C 24 25.89 -29.83 29.14
C ASN C 24 26.53 -29.08 27.96
N ILE C 25 26.82 -27.78 28.13
CA ILE C 25 27.37 -26.93 27.02
C ILE C 25 28.74 -26.32 27.39
N ASP C 26 29.31 -25.48 26.51
CA ASP C 26 30.68 -24.93 26.70
C ASP C 26 30.84 -23.97 27.90
N ARG C 27 29.90 -23.04 28.12
CA ARG C 27 30.02 -22.02 29.21
C ARG C 27 31.34 -21.22 29.14
N ILE C 28 31.67 -20.62 27.98
CA ILE C 28 32.92 -19.80 27.83
C ILE C 28 32.81 -18.48 28.60
N LYS C 29 33.88 -17.66 28.61
CA LYS C 29 33.87 -16.40 29.38
C LYS C 29 33.30 -15.28 28.53
N VAL C 30 32.31 -14.58 29.06
CA VAL C 30 31.65 -13.46 28.39
C VAL C 30 32.66 -12.46 27.86
N SER C 31 33.84 -12.37 28.48
CA SER C 31 34.82 -11.38 28.05
C SER C 31 35.24 -11.61 26.60
N LYS C 32 35.49 -12.87 26.23
CA LYS C 32 35.88 -13.16 24.86
C LYS C 32 34.76 -12.83 23.89
N ALA C 33 33.51 -13.10 24.27
CA ALA C 33 32.38 -12.77 23.42
C ALA C 33 32.30 -11.26 23.18
N ALA C 34 32.46 -10.48 24.25
CA ALA C 34 32.44 -9.02 24.10
C ALA C 34 33.59 -8.54 23.23
N ALA C 35 34.78 -9.12 23.42
CA ALA C 35 35.93 -8.72 22.62
C ALA C 35 35.70 -9.03 21.15
N ASP C 36 35.15 -10.21 20.84
CA ASP C 36 34.87 -10.56 19.46
C ASP C 36 33.82 -9.64 18.87
N LEU C 37 32.79 -9.31 19.65
CA LEU C 37 31.76 -8.37 19.18
C LEU C 37 32.40 -7.04 18.81
N MET C 38 33.24 -6.49 19.69
CA MET C 38 33.87 -5.21 19.42
C MET C 38 34.78 -5.30 18.20
N ALA C 39 35.55 -6.37 18.08
CA ALA C 39 36.46 -6.52 16.95
C ALA C 39 35.69 -6.55 15.64
N TYR C 40 34.65 -7.37 15.56
CA TYR C 40 33.88 -7.47 14.34
C TYR C 40 33.19 -6.14 14.02
N CYS C 41 32.61 -5.49 15.02
CA CYS C 41 31.93 -4.23 14.78
C CYS C 41 32.90 -3.18 14.25
N GLU C 42 34.10 -3.09 14.83
CA GLU C 42 35.06 -2.09 14.40
C GLU C 42 35.61 -2.42 13.00
N ALA C 43 35.81 -3.70 12.71
CA ALA C 43 36.47 -4.06 11.45
C ALA C 43 35.66 -3.62 10.24
N HIS C 44 34.34 -3.80 10.27
CA HIS C 44 33.48 -3.54 9.13
C HIS C 44 32.88 -2.14 9.16
N ALA C 45 33.55 -1.18 9.80
CA ALA C 45 32.99 0.17 9.91
C ALA C 45 33.12 0.97 8.62
N LYS C 46 34.11 0.67 7.79
CA LYS C 46 34.38 1.52 6.63
C LYS C 46 33.28 1.38 5.58
N GLU C 47 32.89 0.15 5.26
CA GLU C 47 31.91 -0.06 4.19
C GLU C 47 30.49 0.32 4.60
N ASP C 48 30.22 0.42 5.90
CA ASP C 48 28.88 0.75 6.36
C ASP C 48 28.52 2.16 5.91
N PRO C 49 27.43 2.36 5.17
CA PRO C 49 27.03 3.73 4.80
C PRO C 49 26.34 4.47 5.93
N LEU C 50 25.57 3.74 6.74
CA LEU C 50 24.76 4.39 7.77
C LEU C 50 25.65 5.06 8.82
N LEU C 51 26.72 4.38 9.24
CA LEU C 51 27.59 4.96 10.26
C LEU C 51 28.31 6.19 9.74
N THR C 52 28.94 6.08 8.57
CA THR C 52 29.68 7.18 7.96
C THR C 52 29.03 7.56 6.64
N PRO C 53 28.21 8.61 6.59
CA PRO C 53 27.60 9.00 5.32
C PRO C 53 28.65 9.30 4.26
N VAL C 54 28.37 8.88 3.04
CA VAL C 54 29.30 9.06 1.92
C VAL C 54 28.85 10.27 1.11
N PRO C 55 29.71 10.82 0.25
CA PRO C 55 29.33 12.01 -0.51
C PRO C 55 28.05 11.79 -1.31
N ALA C 56 27.50 12.90 -1.81
CA ALA C 56 26.27 12.82 -2.59
C ALA C 56 26.44 11.91 -3.79
N SER C 57 27.64 11.84 -4.36
CA SER C 57 27.89 10.92 -5.45
C SER C 57 27.84 9.48 -4.95
N GLU C 58 27.78 8.54 -5.90
CA GLU C 58 27.72 7.10 -5.62
C GLU C 58 26.67 6.78 -4.57
N ASN C 59 25.64 7.62 -4.45
CA ASN C 59 24.55 7.39 -3.51
C ASN C 59 23.27 7.13 -4.31
N PRO C 60 22.82 5.89 -4.43
CA PRO C 60 21.67 5.62 -5.31
C PRO C 60 20.45 6.43 -4.95
N PHE C 61 20.22 6.68 -3.66
CA PHE C 61 19.09 7.50 -3.23
C PHE C 61 19.56 8.94 -3.07
N ARG C 62 18.90 9.85 -3.78
CA ARG C 62 19.24 11.26 -3.72
C ARG C 62 17.98 12.12 -3.66
N ASP D 39 3.39 -25.01 -23.54
CA ASP D 39 3.94 -24.61 -24.86
C ASP D 39 3.56 -23.18 -25.20
N VAL D 40 4.46 -22.48 -25.88
CA VAL D 40 4.23 -21.11 -26.34
C VAL D 40 4.48 -21.07 -27.84
N GLN D 41 3.54 -20.49 -28.58
CA GLN D 41 3.66 -20.42 -30.03
C GLN D 41 2.95 -19.18 -30.54
N LEU D 42 3.54 -18.56 -31.57
CA LEU D 42 2.92 -17.47 -32.30
C LEU D 42 2.93 -17.84 -33.77
N VAL D 43 1.77 -17.71 -34.43
CA VAL D 43 1.62 -18.08 -35.83
C VAL D 43 0.99 -16.91 -36.58
N GLU D 44 1.20 -16.90 -37.89
CA GLU D 44 0.70 -15.84 -38.76
C GLU D 44 -0.52 -16.32 -39.53
N SER D 45 -1.24 -15.36 -40.11
CA SER D 45 -2.50 -15.63 -40.79
C SER D 45 -2.42 -15.37 -42.29
N GLY D 46 -2.04 -14.16 -42.70
CA GLY D 46 -2.14 -13.78 -44.09
C GLY D 46 -0.81 -13.68 -44.82
N GLY D 47 -0.52 -14.66 -45.67
CA GLY D 47 0.60 -14.58 -46.59
C GLY D 47 0.16 -14.87 -48.01
N GLY D 48 0.22 -13.88 -48.90
CA GLY D 48 -0.32 -14.05 -50.22
C GLY D 48 0.29 -13.11 -51.23
N LEU D 49 -0.02 -13.36 -52.50
CA LEU D 49 0.54 -12.60 -53.60
C LEU D 49 -0.29 -11.33 -53.82
N VAL D 50 0.37 -10.18 -53.81
CA VAL D 50 -0.29 -8.89 -53.97
C VAL D 50 0.49 -8.05 -54.97
N GLN D 51 -0.21 -7.12 -55.60
CA GLN D 51 0.33 -6.24 -56.62
C GLN D 51 0.60 -4.85 -56.05
N PRO D 52 1.49 -4.08 -56.66
CA PRO D 52 1.82 -2.74 -56.13
C PRO D 52 0.69 -1.75 -56.41
N GLY D 53 0.18 -1.13 -55.35
CA GLY D 53 -0.89 -0.16 -55.46
C GLY D 53 -2.23 -0.72 -55.02
N GLY D 54 -2.24 -1.49 -53.95
CA GLY D 54 -3.46 -2.07 -53.41
C GLY D 54 -3.54 -1.94 -51.91
N SER D 55 -3.75 -3.06 -51.22
CA SER D 55 -3.70 -3.07 -49.76
C SER D 55 -3.83 -4.50 -49.26
N ARG D 56 -3.19 -4.77 -48.12
CA ARG D 56 -3.27 -6.08 -47.49
C ARG D 56 -3.07 -5.92 -45.98
N LYS D 57 -3.54 -6.90 -45.23
CA LYS D 57 -3.59 -6.83 -43.77
C LYS D 57 -3.01 -8.10 -43.18
N LEU D 58 -2.04 -7.95 -42.28
CA LEU D 58 -1.40 -9.07 -41.59
C LEU D 58 -2.03 -9.28 -40.22
N SER D 59 -1.70 -10.42 -39.62
CA SER D 59 -2.18 -10.72 -38.26
C SER D 59 -1.45 -11.95 -37.76
N CYS D 60 -1.45 -12.11 -36.42
CA CYS D 60 -0.92 -13.29 -35.78
C CYS D 60 -1.83 -13.66 -34.62
N SER D 61 -1.70 -14.91 -34.17
CA SER D 61 -2.47 -15.43 -33.04
C SER D 61 -1.51 -15.97 -32.00
N ALA D 62 -1.71 -15.56 -30.73
CA ALA D 62 -0.93 -16.04 -29.61
C ALA D 62 -1.83 -16.74 -28.62
N SER D 63 -1.38 -17.87 -28.08
CA SER D 63 -2.20 -18.67 -27.19
C SER D 63 -1.49 -19.17 -25.93
N GLY D 64 -0.17 -19.18 -25.89
CA GLY D 64 0.53 -19.84 -24.80
C GLY D 64 0.76 -19.01 -23.56
N PHE D 65 0.53 -17.70 -23.61
CA PHE D 65 0.87 -16.81 -22.51
C PHE D 65 -0.23 -15.77 -22.30
N ALA D 66 0.00 -14.89 -21.33
CA ALA D 66 -0.92 -13.80 -21.01
C ALA D 66 -0.63 -12.64 -21.95
N PHE D 67 -1.17 -12.75 -23.17
CA PHE D 67 -0.88 -11.77 -24.21
C PHE D 67 -1.34 -10.37 -23.84
N SER D 68 -2.25 -10.23 -22.88
CA SER D 68 -2.83 -8.93 -22.57
C SER D 68 -1.84 -7.96 -21.96
N SER D 69 -0.66 -8.41 -21.55
CA SER D 69 0.31 -7.57 -20.85
C SER D 69 1.69 -7.71 -21.46
N PHE D 70 1.78 -7.69 -22.79
CA PHE D 70 3.04 -7.84 -23.51
C PHE D 70 3.15 -6.78 -24.59
N GLY D 71 4.39 -6.43 -24.92
CA GLY D 71 4.67 -5.51 -26.00
C GLY D 71 5.17 -6.27 -27.21
N MET D 72 4.45 -6.14 -28.33
CA MET D 72 4.71 -6.89 -29.54
C MET D 72 5.32 -5.99 -30.60
N HIS D 73 6.44 -6.42 -31.17
CA HIS D 73 7.10 -5.72 -32.26
C HIS D 73 6.69 -6.32 -33.59
N TRP D 74 7.24 -5.76 -34.67
CA TRP D 74 7.19 -6.35 -35.99
C TRP D 74 8.56 -6.17 -36.61
N VAL D 75 9.08 -7.23 -37.21
CA VAL D 75 10.42 -7.20 -37.81
C VAL D 75 10.36 -7.85 -39.18
N ARG D 76 10.98 -7.21 -40.16
CA ARG D 76 10.99 -7.67 -41.54
C ARG D 76 12.36 -8.28 -41.86
N GLN D 77 12.50 -8.72 -43.10
CA GLN D 77 13.75 -9.30 -43.58
C GLN D 77 13.87 -8.98 -45.06
N ALA D 78 14.70 -9.74 -45.78
CA ALA D 78 14.83 -9.60 -47.22
C ALA D 78 15.50 -10.85 -47.76
N PRO D 79 15.42 -11.08 -49.08
CA PRO D 79 16.23 -12.17 -49.65
C PRO D 79 17.70 -12.01 -49.34
N GLU D 80 18.18 -10.76 -49.35
CA GLU D 80 19.51 -10.46 -48.84
C GLU D 80 19.52 -10.62 -47.32
N LYS D 81 20.71 -10.42 -46.73
CA LYS D 81 20.84 -10.56 -45.29
C LYS D 81 20.02 -9.52 -44.53
N GLY D 82 19.59 -8.46 -45.21
CA GLY D 82 18.86 -7.37 -44.59
C GLY D 82 17.80 -7.80 -43.59
N LEU D 83 17.88 -7.25 -42.38
CA LEU D 83 16.94 -7.51 -41.31
C LEU D 83 16.66 -6.19 -40.61
N GLU D 84 15.47 -5.64 -40.81
CA GLU D 84 15.17 -4.27 -40.40
C GLU D 84 13.92 -4.21 -39.54
N TRP D 85 13.84 -3.15 -38.74
CA TRP D 85 12.73 -2.91 -37.84
C TRP D 85 11.53 -2.34 -38.60
N VAL D 86 10.33 -2.62 -38.09
CA VAL D 86 9.10 -2.25 -38.79
C VAL D 86 8.21 -1.37 -37.94
N ALA D 87 7.73 -1.89 -36.81
CA ALA D 87 6.69 -1.21 -36.05
C ALA D 87 6.84 -1.57 -34.57
N TYR D 88 5.80 -1.31 -33.79
CA TYR D 88 5.81 -1.57 -32.35
C TYR D 88 4.44 -1.27 -31.75
N ILE D 89 4.13 -1.90 -30.62
CA ILE D 89 2.94 -1.57 -29.85
C ILE D 89 3.16 -2.07 -28.43
N SER D 90 2.77 -1.25 -27.46
CA SER D 90 3.10 -1.50 -26.07
C SER D 90 1.97 -2.25 -25.37
N SER D 91 2.09 -2.39 -24.04
CA SER D 91 1.15 -3.20 -23.28
C SER D 91 -0.27 -2.62 -23.35
N GLY D 92 -0.44 -1.39 -22.88
CA GLY D 92 -1.75 -0.79 -22.84
C GLY D 92 -2.23 -0.19 -24.13
N SER D 93 -1.45 -0.31 -25.21
CA SER D 93 -1.78 0.27 -26.50
C SER D 93 -1.69 1.79 -26.47
N GLY D 94 -0.85 2.33 -25.59
CA GLY D 94 -0.71 3.76 -25.47
C GLY D 94 0.54 4.30 -26.16
N THR D 95 1.35 3.40 -26.72
CA THR D 95 2.58 3.79 -27.42
C THR D 95 2.66 3.01 -28.73
N ILE D 96 2.92 3.72 -29.81
CA ILE D 96 3.06 3.12 -31.14
C ILE D 96 4.14 3.89 -31.88
N TYR D 97 5.29 3.25 -32.07
CA TYR D 97 6.37 3.83 -32.86
C TYR D 97 6.33 3.23 -34.27
N TYR D 98 7.28 3.64 -35.11
CA TYR D 98 7.33 3.16 -36.48
C TYR D 98 8.71 3.41 -37.05
N ALA D 99 8.93 2.91 -38.26
CA ALA D 99 10.16 3.12 -39.01
C ALA D 99 9.90 4.19 -40.06
N ASP D 100 10.81 5.16 -40.16
CA ASP D 100 10.58 6.30 -41.04
C ASP D 100 10.35 5.86 -42.48
N THR D 101 10.91 4.72 -42.87
CA THR D 101 10.76 4.25 -44.25
C THR D 101 9.34 3.81 -44.59
N VAL D 102 8.48 3.64 -43.58
CA VAL D 102 7.11 3.19 -43.83
C VAL D 102 6.11 4.07 -43.08
N LYS D 103 6.59 5.15 -42.47
CA LYS D 103 5.70 6.01 -41.71
C LYS D 103 4.57 6.54 -42.59
N GLY D 104 3.35 6.49 -42.05
CA GLY D 104 2.18 6.96 -42.76
C GLY D 104 1.56 5.95 -43.69
N ARG D 105 2.03 4.71 -43.71
CA ARG D 105 1.46 3.67 -44.56
C ARG D 105 1.14 2.41 -43.77
N PHE D 106 1.89 2.16 -42.70
CA PHE D 106 1.75 0.97 -41.89
C PHE D 106 1.00 1.31 -40.61
N THR D 107 -0.07 0.56 -40.34
CA THR D 107 -0.89 0.77 -39.15
C THR D 107 -0.90 -0.50 -38.31
N ILE D 108 -0.83 -0.32 -36.99
CA ILE D 108 -0.75 -1.43 -36.04
C ILE D 108 -1.84 -1.28 -35.00
N SER D 109 -2.40 -2.39 -34.56
CA SER D 109 -3.45 -2.39 -33.55
C SER D 109 -3.72 -3.82 -33.12
N ARG D 110 -4.16 -3.99 -31.87
CA ARG D 110 -4.45 -5.32 -31.35
C ARG D 110 -5.56 -5.23 -30.32
N ASP D 111 -6.21 -6.37 -30.10
CA ASP D 111 -7.32 -6.48 -29.14
C ASP D 111 -6.99 -7.60 -28.16
N ASP D 112 -6.92 -7.26 -26.88
CA ASP D 112 -6.49 -8.23 -25.87
C ASP D 112 -7.40 -9.45 -25.78
N PRO D 113 -8.74 -9.34 -25.79
CA PRO D 113 -9.57 -10.53 -25.56
C PRO D 113 -9.30 -11.66 -26.53
N LYS D 114 -8.98 -11.38 -27.79
CA LYS D 114 -8.74 -12.42 -28.78
C LYS D 114 -7.27 -12.78 -28.93
N ASN D 115 -6.37 -12.10 -28.23
CA ASN D 115 -4.94 -12.39 -28.29
C ASN D 115 -4.45 -12.39 -29.74
N THR D 116 -4.94 -11.42 -30.51
CA THR D 116 -4.62 -11.32 -31.93
C THR D 116 -4.12 -9.92 -32.25
N LEU D 117 -3.00 -9.84 -32.95
CA LEU D 117 -2.42 -8.59 -33.41
C LEU D 117 -2.73 -8.40 -34.89
N PHE D 118 -3.00 -7.15 -35.28
CA PHE D 118 -3.31 -6.81 -36.66
C PHE D 118 -2.36 -5.73 -37.15
N LEU D 119 -1.95 -5.85 -38.41
CA LEU D 119 -1.12 -4.84 -39.06
C LEU D 119 -1.68 -4.58 -40.46
N GLN D 120 -1.82 -3.32 -40.81
CA GLN D 120 -2.38 -2.90 -42.09
C GLN D 120 -1.29 -2.26 -42.93
N MET D 121 -1.19 -2.66 -44.19
CA MET D 121 -0.21 -2.11 -45.11
C MET D 121 -0.92 -1.46 -46.29
N THR D 122 -0.31 -0.41 -46.83
CA THR D 122 -0.84 0.27 -48.00
C THR D 122 0.31 0.86 -48.79
N SER D 123 0.08 1.06 -50.09
CA SER D 123 1.11 1.56 -51.00
C SER D 123 2.33 0.63 -50.99
N LEU D 124 2.10 -0.60 -51.43
CA LEU D 124 3.12 -1.64 -51.38
C LEU D 124 4.07 -1.48 -52.56
N ARG D 125 5.29 -1.03 -52.28
CA ARG D 125 6.34 -0.95 -53.27
C ARG D 125 7.17 -2.23 -53.28
N SER D 126 7.87 -2.44 -54.39
CA SER D 126 8.70 -3.64 -54.50
C SER D 126 9.75 -3.72 -53.41
N GLU D 127 10.14 -2.58 -52.83
CA GLU D 127 11.08 -2.59 -51.72
C GLU D 127 10.53 -3.31 -50.50
N ASP D 128 9.20 -3.41 -50.38
CA ASP D 128 8.60 -4.05 -49.21
C ASP D 128 8.74 -5.56 -49.24
N THR D 129 8.92 -6.15 -50.41
CA THR D 129 8.96 -7.61 -50.54
C THR D 129 9.92 -8.22 -49.52
N ALA D 130 9.37 -9.03 -48.63
CA ALA D 130 10.17 -9.65 -47.58
C ALA D 130 9.26 -10.57 -46.77
N MET D 131 9.88 -11.32 -45.85
CA MET D 131 9.16 -12.19 -44.93
C MET D 131 9.16 -11.52 -43.56
N TYR D 132 7.97 -11.26 -43.02
CA TYR D 132 7.83 -10.47 -41.81
C TYR D 132 7.75 -11.37 -40.59
N TYR D 133 8.63 -11.12 -39.63
CA TYR D 133 8.63 -11.84 -38.36
C TYR D 133 7.74 -11.12 -37.35
N CYS D 134 7.46 -11.81 -36.24
CA CYS D 134 6.68 -11.22 -35.16
C CYS D 134 7.23 -11.75 -33.84
N VAL D 135 7.49 -10.84 -32.91
CA VAL D 135 8.16 -11.16 -31.66
C VAL D 135 7.34 -10.61 -30.51
N ARG D 136 7.88 -10.76 -29.30
CA ARG D 136 7.24 -10.24 -28.10
C ARG D 136 8.29 -9.61 -27.21
N SER D 137 7.86 -8.65 -26.40
CA SER D 137 8.78 -7.94 -25.51
C SER D 137 8.01 -7.38 -24.33
N ILE D 138 8.48 -7.69 -23.13
CA ILE D 138 7.89 -7.19 -21.88
C ILE D 138 8.96 -6.40 -21.14
N TYR D 139 8.65 -5.16 -20.81
CA TYR D 139 9.63 -4.22 -20.26
C TYR D 139 9.36 -4.00 -18.78
N TYR D 140 10.24 -4.54 -17.95
CA TYR D 140 10.27 -4.19 -16.53
C TYR D 140 11.65 -4.56 -16.01
N TYR D 141 12.00 -4.00 -14.86
CA TYR D 141 13.35 -4.17 -14.34
C TYR D 141 13.71 -5.64 -14.25
N GLY D 142 14.72 -6.05 -15.02
CA GLY D 142 15.18 -7.41 -15.04
C GLY D 142 14.56 -8.30 -16.09
N SER D 143 13.77 -7.73 -17.00
CA SER D 143 13.12 -8.50 -18.04
C SER D 143 14.04 -8.64 -19.25
N SER D 144 13.68 -9.58 -20.12
CA SER D 144 14.47 -9.88 -21.32
C SER D 144 13.60 -9.67 -22.56
N PRO D 145 13.66 -8.49 -23.19
CA PRO D 145 12.86 -8.26 -24.38
C PRO D 145 13.26 -9.16 -25.54
N PHE D 146 12.30 -9.39 -26.43
CA PHE D 146 12.52 -10.20 -27.64
C PHE D 146 12.85 -11.65 -27.28
N ASP D 147 11.98 -12.25 -26.46
CA ASP D 147 12.21 -13.63 -26.03
C ASP D 147 11.90 -14.62 -27.14
N PHE D 148 10.63 -14.67 -27.56
CA PHE D 148 10.14 -15.71 -28.45
C PHE D 148 9.88 -15.14 -29.83
N TRP D 149 10.70 -15.52 -30.80
CA TRP D 149 10.52 -15.12 -32.18
C TRP D 149 9.64 -16.16 -32.87
N GLY D 150 8.50 -15.73 -33.40
CA GLY D 150 7.59 -16.61 -34.09
C GLY D 150 8.03 -16.83 -35.53
N GLN D 151 7.11 -17.40 -36.30
CA GLN D 151 7.31 -17.59 -37.73
C GLN D 151 6.92 -16.32 -38.46
N GLY D 152 6.89 -16.37 -39.80
CA GLY D 152 6.57 -15.19 -40.57
C GLY D 152 5.84 -15.56 -41.85
N THR D 153 5.25 -14.54 -42.46
CA THR D 153 4.54 -14.69 -43.72
C THR D 153 5.43 -14.28 -44.89
N THR D 154 5.22 -14.91 -46.03
CA THR D 154 5.97 -14.62 -47.25
C THR D 154 5.16 -13.62 -48.07
N LEU D 155 5.77 -12.48 -48.39
CA LEU D 155 5.14 -11.44 -49.17
C LEU D 155 6.07 -11.04 -50.31
N THR D 156 5.47 -10.72 -51.45
CA THR D 156 6.23 -10.32 -52.63
C THR D 156 5.45 -9.25 -53.38
N VAL D 157 6.05 -8.71 -54.44
CA VAL D 157 5.42 -7.70 -55.26
C VAL D 157 5.92 -7.81 -56.69
N SER D 174 20.18 12.61 -36.16
CA SER D 174 20.15 11.49 -37.08
C SER D 174 19.91 10.19 -36.32
N ASP D 175 20.13 9.06 -37.00
CA ASP D 175 19.91 7.74 -36.43
C ASP D 175 21.23 7.09 -36.08
N ILE D 176 21.14 6.02 -35.29
CA ILE D 176 22.31 5.24 -34.92
C ILE D 176 22.63 4.25 -36.04
N VAL D 177 23.91 4.06 -36.32
CA VAL D 177 24.38 3.18 -37.38
C VAL D 177 25.34 2.16 -36.78
N MET D 178 25.16 0.89 -37.15
CA MET D 178 26.03 -0.19 -36.73
C MET D 178 26.50 -0.98 -37.94
N THR D 179 27.73 -1.45 -37.87
CA THR D 179 28.34 -2.24 -38.94
C THR D 179 28.98 -3.49 -38.35
N GLN D 180 29.00 -4.55 -39.15
CA GLN D 180 29.60 -5.83 -38.78
C GLN D 180 30.51 -6.27 -39.91
N ALA D 181 31.77 -5.84 -39.87
CA ALA D 181 32.73 -6.17 -40.91
C ALA D 181 33.09 -7.66 -40.84
N THR D 182 33.64 -8.16 -41.95
CA THR D 182 34.04 -9.56 -42.06
C THR D 182 32.83 -10.48 -41.84
N SER D 183 31.87 -10.39 -42.77
CA SER D 183 30.64 -11.15 -42.64
C SER D 183 30.91 -12.64 -42.58
N SER D 184 31.80 -13.14 -43.44
CA SER D 184 32.35 -14.47 -43.67
C SER D 184 33.48 -14.74 -42.69
N VAL D 185 33.45 -15.90 -42.04
CA VAL D 185 34.46 -16.27 -41.05
C VAL D 185 34.63 -17.79 -41.07
N PRO D 186 35.60 -18.33 -41.80
CA PRO D 186 35.81 -19.79 -41.75
C PRO D 186 36.17 -20.25 -40.34
N VAL D 187 35.70 -21.44 -39.99
CA VAL D 187 35.85 -21.96 -38.64
C VAL D 187 35.66 -23.46 -38.68
N THR D 188 36.27 -24.15 -37.73
CA THR D 188 36.15 -25.60 -37.57
C THR D 188 35.82 -25.91 -36.11
N PRO D 189 35.21 -27.06 -35.85
CA PRO D 189 34.88 -27.41 -34.46
C PRO D 189 36.13 -27.60 -33.61
N GLY D 190 35.98 -27.34 -32.32
CA GLY D 190 37.07 -27.52 -31.38
C GLY D 190 37.89 -26.29 -31.09
N GLU D 191 37.28 -25.10 -31.14
CA GLU D 191 38.00 -23.86 -30.89
C GLU D 191 36.98 -22.76 -30.66
N SER D 192 37.49 -21.58 -30.31
CA SER D 192 36.65 -20.41 -30.08
C SER D 192 36.74 -19.46 -31.26
N VAL D 193 35.79 -18.52 -31.30
CA VAL D 193 35.71 -17.50 -32.34
C VAL D 193 35.44 -16.15 -31.70
N SER D 194 35.24 -15.12 -32.53
CA SER D 194 34.97 -13.79 -32.02
C SER D 194 34.30 -12.97 -33.11
N ILE D 195 33.07 -12.53 -32.84
CA ILE D 195 32.36 -11.61 -33.72
C ILE D 195 32.41 -10.23 -33.07
N SER D 196 32.05 -9.21 -33.84
CA SER D 196 32.06 -7.85 -33.32
C SER D 196 31.25 -6.94 -34.24
N CYS D 197 30.40 -6.11 -33.64
CA CYS D 197 29.74 -5.02 -34.35
C CYS D 197 29.95 -3.74 -33.55
N ARG D 198 30.21 -2.65 -34.26
CA ARG D 198 30.56 -1.39 -33.64
C ARG D 198 29.51 -0.33 -33.94
N SER D 199 29.34 0.60 -32.99
CA SER D 199 28.37 1.68 -33.10
C SER D 199 29.05 2.96 -33.56
N SER D 200 28.24 4.01 -33.72
CA SER D 200 28.73 5.35 -34.01
C SER D 200 28.46 6.35 -32.91
N LYS D 201 27.67 5.99 -31.91
CA LYS D 201 27.41 6.83 -30.74
C LYS D 201 27.57 5.99 -29.48
N SER D 202 28.02 6.63 -28.41
CA SER D 202 28.17 5.94 -27.15
C SER D 202 26.88 5.24 -26.78
N LEU D 203 26.97 3.94 -26.50
CA LEU D 203 25.81 3.10 -26.24
C LEU D 203 25.61 2.84 -24.76
N LEU D 204 26.36 3.53 -23.90
CA LEU D 204 26.24 3.39 -22.45
C LEU D 204 25.38 4.53 -21.92
N HIS D 205 24.19 4.19 -21.45
CA HIS D 205 23.32 5.21 -20.88
C HIS D 205 23.71 5.51 -19.44
N SER D 206 23.25 6.66 -18.95
CA SER D 206 23.58 7.08 -17.59
C SER D 206 22.96 6.19 -16.52
N ASN D 207 21.97 5.36 -16.90
CA ASN D 207 21.36 4.45 -15.93
C ASN D 207 22.30 3.32 -15.53
N GLY D 208 23.43 3.17 -16.21
CA GLY D 208 24.34 2.07 -15.97
C GLY D 208 24.15 0.90 -16.91
N ASN D 209 23.01 0.83 -17.60
CA ASN D 209 22.76 -0.21 -18.59
C ASN D 209 23.32 0.21 -19.94
N THR D 210 23.54 -0.80 -20.79
CA THR D 210 24.05 -0.58 -22.15
C THR D 210 23.20 -1.44 -23.08
N TYR D 211 22.15 -0.83 -23.63
CA TYR D 211 21.15 -1.57 -24.37
C TYR D 211 21.74 -2.08 -25.69
N LEU D 212 22.08 -3.37 -25.73
CA LEU D 212 22.58 -4.00 -26.94
C LEU D 212 22.27 -5.48 -26.88
N TYR D 213 21.64 -6.01 -27.92
CA TYR D 213 21.21 -7.40 -27.96
C TYR D 213 21.92 -8.13 -29.08
N TRP D 214 21.82 -9.47 -29.04
CA TRP D 214 22.38 -10.33 -30.05
C TRP D 214 21.34 -11.38 -30.44
N PHE D 215 21.44 -11.87 -31.67
CA PHE D 215 20.45 -12.80 -32.18
C PHE D 215 21.11 -13.78 -33.13
N LEU D 216 20.74 -15.05 -33.01
CA LEU D 216 21.24 -16.12 -33.87
C LEU D 216 20.08 -16.66 -34.71
N GLN D 217 20.35 -16.87 -35.99
CA GLN D 217 19.35 -17.38 -36.93
C GLN D 217 19.90 -18.63 -37.61
N ARG D 218 19.34 -19.78 -37.26
CA ARG D 218 19.73 -21.01 -37.93
C ARG D 218 19.19 -21.02 -39.35
N PRO D 219 19.84 -21.72 -40.28
CA PRO D 219 19.33 -21.76 -41.65
C PRO D 219 17.93 -22.32 -41.70
N GLY D 220 17.08 -21.69 -42.49
CA GLY D 220 15.69 -22.13 -42.63
C GLY D 220 14.96 -22.18 -41.30
N GLN D 221 15.09 -21.12 -40.51
CA GLN D 221 14.49 -21.09 -39.18
C GLN D 221 14.52 -19.67 -38.64
N SER D 222 13.52 -19.34 -37.84
CA SER D 222 13.48 -18.03 -37.20
C SER D 222 14.50 -17.95 -36.08
N PRO D 223 15.05 -16.77 -35.81
CA PRO D 223 16.12 -16.64 -34.83
C PRO D 223 15.58 -16.72 -33.40
N GLN D 224 16.47 -16.53 -32.44
CA GLN D 224 16.11 -16.52 -31.03
C GLN D 224 17.11 -15.67 -30.27
N LEU D 225 16.66 -15.09 -29.16
CA LEU D 225 17.53 -14.24 -28.36
C LEU D 225 18.74 -15.02 -27.87
N LEU D 226 19.89 -14.38 -27.90
CA LEU D 226 21.16 -14.99 -27.50
C LEU D 226 21.81 -14.29 -26.32
N ILE D 227 21.94 -12.97 -26.38
CA ILE D 227 22.52 -12.18 -25.31
C ILE D 227 21.83 -10.82 -25.29
N TYR D 228 21.37 -10.40 -24.12
CA TYR D 228 20.74 -9.09 -23.96
C TYR D 228 21.57 -8.25 -22.99
N ARG D 229 21.85 -7.01 -23.41
CA ARG D 229 22.69 -6.07 -22.67
C ARG D 229 24.14 -6.54 -22.58
N MET D 230 24.54 -7.41 -23.52
CA MET D 230 25.90 -7.89 -23.71
C MET D 230 26.49 -8.55 -22.46
N SER D 231 25.68 -8.80 -21.45
CA SER D 231 26.17 -9.43 -20.22
C SER D 231 25.22 -10.47 -19.64
N ASN D 232 24.06 -10.71 -20.23
CA ASN D 232 23.06 -11.62 -19.69
C ASN D 232 22.60 -12.59 -20.78
N LEU D 233 22.31 -13.82 -20.36
CA LEU D 233 21.94 -14.90 -21.27
C LEU D 233 20.46 -15.21 -21.13
N ALA D 234 19.77 -15.34 -22.27
CA ALA D 234 18.37 -15.75 -22.25
C ALA D 234 18.26 -17.18 -21.74
N SER D 235 17.22 -17.43 -20.94
CA SER D 235 17.08 -18.73 -20.29
C SER D 235 17.05 -19.85 -21.32
N GLY D 236 17.75 -20.94 -21.01
CA GLY D 236 17.78 -22.11 -21.85
C GLY D 236 18.97 -22.16 -22.80
N VAL D 237 19.62 -21.04 -23.06
CA VAL D 237 20.77 -21.04 -23.96
C VAL D 237 21.97 -21.66 -23.26
N PRO D 238 22.66 -22.64 -23.85
CA PRO D 238 23.82 -23.23 -23.18
C PRO D 238 24.83 -22.19 -22.74
N ASP D 239 25.76 -22.58 -21.86
CA ASP D 239 26.71 -21.64 -21.28
C ASP D 239 27.94 -21.41 -22.14
N ARG D 240 28.02 -22.03 -23.32
CA ARG D 240 29.16 -21.78 -24.20
C ARG D 240 29.20 -20.32 -24.64
N PHE D 241 28.04 -19.75 -24.95
CA PHE D 241 27.99 -18.38 -25.42
C PHE D 241 28.38 -17.41 -24.30
N SER D 242 28.93 -16.27 -24.70
CA SER D 242 29.31 -15.24 -23.74
C SER D 242 29.31 -13.90 -24.45
N GLY D 243 29.25 -12.83 -23.66
CA GLY D 243 29.21 -11.49 -24.20
C GLY D 243 30.03 -10.54 -23.35
N SER D 244 30.47 -9.47 -23.99
CA SER D 244 31.29 -8.44 -23.35
C SER D 244 31.40 -7.27 -24.31
N GLY D 245 32.18 -6.28 -23.92
CA GLY D 245 32.43 -5.12 -24.75
C GLY D 245 32.65 -3.87 -23.92
N SER D 246 33.21 -2.86 -24.56
CA SER D 246 33.42 -1.56 -23.94
C SER D 246 32.20 -0.68 -24.23
N GLY D 247 32.34 0.62 -23.99
CA GLY D 247 31.25 1.54 -24.27
C GLY D 247 31.04 1.85 -25.74
N THR D 248 31.92 1.38 -26.61
CA THR D 248 31.80 1.65 -28.04
C THR D 248 31.96 0.38 -28.87
N ALA D 249 32.67 -0.61 -28.34
CA ALA D 249 32.96 -1.84 -29.06
C ALA D 249 32.27 -3.02 -28.37
N PHE D 250 31.90 -4.02 -29.18
CA PHE D 250 31.17 -5.19 -28.68
C PHE D 250 31.67 -6.43 -29.40
N THR D 251 31.56 -7.57 -28.74
CA THR D 251 32.04 -8.82 -29.31
C THR D 251 31.55 -9.98 -28.46
N LEU D 252 31.55 -11.17 -29.07
CA LEU D 252 31.17 -12.41 -28.42
C LEU D 252 32.37 -13.33 -28.30
N THR D 253 32.15 -14.47 -27.65
CA THR D 253 33.17 -15.52 -27.53
C THR D 253 32.43 -16.86 -27.49
N ILE D 254 32.32 -17.48 -28.66
CA ILE D 254 31.63 -18.75 -28.81
C ILE D 254 32.68 -19.84 -28.72
N SER D 255 32.86 -20.40 -27.53
CA SER D 255 33.87 -21.43 -27.29
C SER D 255 33.34 -22.81 -27.64
N ARG D 256 34.25 -23.70 -28.01
CA ARG D 256 33.93 -25.09 -28.31
C ARG D 256 32.75 -25.17 -29.29
N LEU D 257 32.97 -24.60 -30.48
CA LEU D 257 31.93 -24.59 -31.50
C LEU D 257 31.50 -26.02 -31.82
N GLU D 258 30.19 -26.24 -31.88
CA GLU D 258 29.61 -27.54 -32.15
C GLU D 258 29.03 -27.56 -33.57
N ALA D 259 28.38 -28.67 -33.90
CA ALA D 259 27.71 -28.83 -35.18
C ALA D 259 26.35 -28.16 -35.23
N GLU D 260 26.03 -27.31 -34.25
CA GLU D 260 24.76 -26.59 -34.24
C GLU D 260 24.92 -25.09 -34.41
N ASP D 261 25.99 -24.49 -33.90
CA ASP D 261 26.21 -23.06 -34.02
C ASP D 261 26.75 -22.78 -35.42
N VAL D 262 25.84 -22.64 -36.37
CA VAL D 262 26.18 -22.48 -37.78
C VAL D 262 25.45 -21.31 -38.42
N GLY D 263 24.56 -20.64 -37.71
CA GLY D 263 23.73 -19.60 -38.29
C GLY D 263 24.45 -18.26 -38.41
N VAL D 264 23.67 -17.26 -38.77
CA VAL D 264 24.16 -15.89 -38.91
C VAL D 264 23.77 -15.12 -37.67
N TYR D 265 24.54 -14.06 -37.38
CA TYR D 265 24.37 -13.29 -36.16
C TYR D 265 24.12 -11.82 -36.50
N TYR D 266 23.22 -11.20 -35.75
CA TYR D 266 22.92 -9.78 -35.87
C TYR D 266 22.91 -9.17 -34.48
N CYS D 267 23.16 -7.86 -34.41
CA CYS D 267 23.22 -7.15 -33.14
C CYS D 267 22.28 -5.95 -33.20
N MET D 268 21.38 -5.87 -32.24
CA MET D 268 20.40 -4.80 -32.13
C MET D 268 20.88 -3.72 -31.17
N GLN D 269 20.41 -2.50 -31.39
CA GLN D 269 20.63 -1.39 -30.49
C GLN D 269 19.28 -0.88 -30.02
N HIS D 270 19.10 -0.70 -28.72
CA HIS D 270 17.76 -0.32 -28.23
C HIS D 270 17.81 0.96 -27.42
N LEU D 271 18.94 1.69 -27.49
CA LEU D 271 19.10 2.96 -26.74
C LEU D 271 18.07 3.93 -27.29
N GLU D 272 17.92 3.94 -28.62
CA GLU D 272 16.87 4.78 -29.25
C GLU D 272 15.82 3.83 -29.81
N TYR D 273 14.54 4.18 -29.74
CA TYR D 273 13.49 3.22 -30.16
C TYR D 273 13.50 2.82 -31.64
N PRO D 274 14.00 3.62 -32.63
CA PRO D 274 14.12 3.13 -34.01
C PRO D 274 15.25 2.09 -34.01
N LEU D 275 15.01 0.92 -33.40
CA LEU D 275 16.05 -0.15 -33.32
C LEU D 275 16.56 -0.45 -34.73
N THR D 276 17.88 -0.45 -34.93
CA THR D 276 18.34 -0.68 -36.31
C THR D 276 19.43 -1.73 -36.26
N PHE D 277 19.26 -2.84 -36.95
CA PHE D 277 20.20 -3.96 -36.81
C PHE D 277 21.44 -3.79 -37.64
N GLY D 278 22.33 -4.79 -37.63
CA GLY D 278 23.58 -4.69 -38.34
C GLY D 278 23.65 -5.73 -39.44
N ALA D 279 24.63 -5.57 -40.32
CA ALA D 279 24.80 -6.48 -41.43
C ALA D 279 25.09 -7.90 -40.92
N GLY D 280 24.57 -8.88 -41.65
CA GLY D 280 24.75 -10.26 -41.24
C GLY D 280 26.21 -10.68 -41.30
N THR D 281 26.56 -11.63 -40.43
CA THR D 281 27.91 -12.20 -40.36
C THR D 281 27.75 -13.73 -40.38
N LYS D 282 27.72 -14.29 -41.57
CA LYS D 282 27.47 -15.72 -41.73
C LYS D 282 28.69 -16.54 -41.32
N LEU D 283 28.44 -17.78 -40.91
CA LEU D 283 29.48 -18.72 -40.54
C LEU D 283 29.25 -20.03 -41.28
N GLU D 284 30.12 -20.33 -42.25
CA GLU D 284 30.10 -21.61 -42.93
C GLU D 284 30.92 -22.62 -42.12
N LEU D 285 31.04 -23.83 -42.66
CA LEU D 285 31.77 -24.93 -42.01
C LEU D 285 32.83 -25.48 -42.96
N LYS D 286 33.61 -24.58 -43.54
CA LYS D 286 34.71 -24.96 -44.43
C LYS D 286 35.57 -26.05 -43.78
N LEU E 45 -2.73 58.97 2.15
CA LEU E 45 -2.00 59.25 3.39
C LEU E 45 -1.99 58.02 4.30
N GLN E 46 -1.94 58.26 5.62
CA GLN E 46 -1.87 57.15 6.57
C GLN E 46 -3.00 56.16 6.36
N VAL E 47 -4.22 56.64 6.12
CA VAL E 47 -5.37 55.75 5.99
C VAL E 47 -5.16 54.77 4.86
N THR E 48 -4.57 55.22 3.75
CA THR E 48 -4.32 54.33 2.62
C THR E 48 -3.44 53.17 3.04
N LEU E 49 -2.41 53.45 3.84
CA LEU E 49 -1.54 52.37 4.31
C LEU E 49 -2.30 51.39 5.17
N THR E 50 -3.19 51.87 6.04
CA THR E 50 -3.99 50.96 6.86
C THR E 50 -4.86 50.06 5.99
N LEU E 51 -5.51 50.65 4.99
CA LEU E 51 -6.37 49.85 4.12
C LEU E 51 -5.56 48.83 3.33
N VAL E 52 -4.39 49.23 2.84
CA VAL E 52 -3.54 48.30 2.10
C VAL E 52 -3.10 47.16 3.00
N CYS E 53 -2.71 47.48 4.23
CA CYS E 53 -2.29 46.43 5.17
C CYS E 53 -3.43 45.48 5.47
N LEU E 54 -4.64 46.02 5.65
CA LEU E 54 -5.80 45.17 5.92
C LEU E 54 -6.05 44.23 4.75
N ALA E 55 -6.01 44.75 3.53
CA ALA E 55 -6.23 43.91 2.35
C ALA E 55 -5.15 42.84 2.23
N GLY E 56 -3.89 43.21 2.48
CA GLY E 56 -2.82 42.23 2.41
C GLY E 56 -2.96 41.15 3.46
N LEU E 57 -3.37 41.53 4.68
CA LEU E 57 -3.60 40.54 5.72
C LEU E 57 -4.74 39.60 5.33
N LEU E 58 -5.80 40.14 4.73
CA LEU E 58 -6.89 39.30 4.28
C LEU E 58 -6.41 38.31 3.23
N MET E 59 -5.62 38.79 2.27
CA MET E 59 -5.10 37.90 1.24
C MET E 59 -4.23 36.81 1.84
N LEU E 60 -3.35 37.18 2.77
CA LEU E 60 -2.47 36.20 3.39
C LEU E 60 -3.27 35.16 4.16
N LEU E 61 -4.28 35.59 4.93
CA LEU E 61 -5.09 34.62 5.65
C LEU E 61 -5.81 33.69 4.69
N THR E 62 -6.39 34.23 3.62
CA THR E 62 -7.11 33.39 2.67
C THR E 62 -6.18 32.34 2.07
N VAL E 63 -5.03 32.77 1.57
CA VAL E 63 -4.12 31.82 0.93
C VAL E 63 -3.63 30.79 1.93
N PHE E 64 -3.25 31.23 3.14
CA PHE E 64 -2.79 30.31 4.15
C PHE E 64 -3.83 29.22 4.41
N GLY E 65 -5.07 29.63 4.70
CA GLY E 65 -6.09 28.67 5.05
C GLY E 65 -6.39 27.72 3.90
N ASN E 66 -6.56 28.26 2.70
CA ASN E 66 -6.98 27.41 1.59
C ASN E 66 -5.87 26.45 1.16
N VAL E 67 -4.61 26.93 1.16
CA VAL E 67 -3.51 26.03 0.83
C VAL E 67 -3.35 24.97 1.91
N LEU E 68 -3.59 25.33 3.18
CA LEU E 68 -3.54 24.33 4.24
C LEU E 68 -4.60 23.25 4.01
N VAL E 69 -5.82 23.66 3.66
CA VAL E 69 -6.86 22.67 3.38
C VAL E 69 -6.46 21.79 2.21
N ILE E 70 -5.93 22.40 1.14
CA ILE E 70 -5.57 21.62 -0.05
C ILE E 70 -4.52 20.58 0.30
N ILE E 71 -3.48 20.98 1.03
CA ILE E 71 -2.43 20.03 1.37
C ILE E 71 -2.97 18.96 2.31
N ALA E 72 -3.88 19.34 3.22
CA ALA E 72 -4.44 18.36 4.14
C ALA E 72 -5.24 17.29 3.40
N VAL E 73 -5.98 17.69 2.36
CA VAL E 73 -6.86 16.73 1.69
C VAL E 73 -6.05 15.59 1.09
N PHE E 74 -4.87 15.88 0.56
CA PHE E 74 -4.10 14.89 -0.18
C PHE E 74 -3.20 14.04 0.73
N THR E 75 -2.42 14.69 1.60
CA THR E 75 -1.41 13.97 2.35
C THR E 75 -2.00 12.87 3.23
N SER E 76 -3.23 13.05 3.68
CA SER E 76 -3.80 12.10 4.63
C SER E 76 -4.36 10.87 3.93
N ARG E 77 -4.56 9.82 4.72
CA ARG E 77 -5.21 8.60 4.27
C ARG E 77 -6.67 8.52 4.69
N ALA E 78 -7.01 9.03 5.87
CA ALA E 78 -8.39 9.03 6.31
C ALA E 78 -9.21 10.05 5.53
N LEU E 79 -8.67 11.24 5.31
CA LEU E 79 -9.40 12.25 4.53
C LEU E 79 -9.57 11.80 3.10
N LYS E 80 -8.60 11.07 2.56
CA LYS E 80 -8.69 10.60 1.18
C LYS E 80 -9.99 9.85 0.99
N ALA E 81 -10.90 10.41 0.20
CA ALA E 81 -12.24 9.90 0.04
C ALA E 81 -12.87 10.59 -1.17
N PRO E 82 -13.93 10.01 -1.74
CA PRO E 82 -14.52 10.62 -2.94
C PRO E 82 -15.28 11.90 -2.67
N GLN E 83 -15.72 12.13 -1.43
CA GLN E 83 -16.56 13.29 -1.13
C GLN E 83 -15.76 14.56 -0.90
N ASN E 84 -14.49 14.45 -0.52
CA ASN E 84 -13.71 15.62 -0.11
C ASN E 84 -13.22 16.46 -1.27
N LEU E 85 -13.40 16.01 -2.52
CA LEU E 85 -12.93 16.80 -3.66
C LEU E 85 -13.59 18.17 -3.69
N PHE E 86 -14.81 18.28 -3.17
CA PHE E 86 -15.47 19.57 -3.13
C PHE E 86 -14.65 20.59 -2.36
N LEU E 87 -14.05 20.16 -1.25
CA LEU E 87 -13.23 21.09 -0.47
C LEU E 87 -12.01 21.55 -1.26
N VAL E 88 -11.40 20.65 -2.02
CA VAL E 88 -10.25 21.05 -2.85
C VAL E 88 -10.68 22.07 -3.89
N SER E 89 -11.81 21.83 -4.55
CA SER E 89 -12.29 22.78 -5.54
C SER E 89 -12.58 24.14 -4.91
N LEU E 90 -13.24 24.14 -3.76
CA LEU E 90 -13.56 25.40 -3.09
C LEU E 90 -12.30 26.14 -2.67
N ALA E 91 -11.31 25.41 -2.15
CA ALA E 91 -10.06 26.04 -1.74
C ALA E 91 -9.34 26.65 -2.94
N SER E 92 -9.30 25.93 -4.07
CA SER E 92 -8.66 26.49 -5.25
C SER E 92 -9.38 27.75 -5.72
N ALA E 93 -10.72 27.72 -5.72
CA ALA E 93 -11.47 28.90 -6.12
C ALA E 93 -11.16 30.07 -5.20
N ASP E 94 -11.09 29.82 -3.90
CA ASP E 94 -10.78 30.90 -2.96
C ASP E 94 -9.39 31.46 -3.19
N ILE E 95 -8.40 30.59 -3.40
CA ILE E 95 -7.05 31.07 -3.67
C ILE E 95 -7.04 31.97 -4.90
N LEU E 96 -7.65 31.49 -5.99
CA LEU E 96 -7.66 32.27 -7.22
C LEU E 96 -8.34 33.61 -7.01
N VAL E 97 -9.56 33.61 -6.45
CA VAL E 97 -10.29 34.86 -6.31
C VAL E 97 -9.49 35.83 -5.45
N ALA E 98 -9.00 35.38 -4.30
CA ALA E 98 -8.24 36.30 -3.45
C ALA E 98 -7.07 36.86 -4.24
N THR E 99 -6.13 35.99 -4.60
CA THR E 99 -4.85 36.46 -5.12
C THR E 99 -5.02 37.30 -6.38
N LEU E 100 -6.09 37.10 -7.14
CA LEU E 100 -6.27 37.87 -8.37
C LEU E 100 -7.04 39.16 -8.12
N VAL E 101 -8.25 39.05 -7.58
CA VAL E 101 -9.09 40.27 -7.53
C VAL E 101 -8.87 41.15 -6.32
N ILE E 102 -8.36 40.66 -5.18
CA ILE E 102 -8.11 41.55 -4.05
C ILE E 102 -7.09 42.62 -4.41
N PRO E 103 -5.97 42.31 -5.07
CA PRO E 103 -5.07 43.39 -5.52
C PRO E 103 -5.75 44.38 -6.45
N PHE E 104 -6.42 43.89 -7.50
CA PHE E 104 -7.06 44.78 -8.46
C PHE E 104 -8.16 45.59 -7.79
N SER E 105 -8.99 44.95 -6.97
CA SER E 105 -10.06 45.67 -6.30
C SER E 105 -9.51 46.73 -5.35
N LEU E 106 -8.44 46.40 -4.63
CA LEU E 106 -7.82 47.38 -3.74
C LEU E 106 -7.27 48.56 -4.52
N ALA E 107 -6.61 48.29 -5.65
CA ALA E 107 -6.10 49.38 -6.47
C ALA E 107 -7.22 50.26 -6.98
N ASN E 108 -8.32 49.66 -7.44
CA ASN E 108 -9.44 50.43 -7.94
C ASN E 108 -10.15 51.20 -6.83
N GLU E 109 -10.06 50.71 -5.59
CA GLU E 109 -10.76 51.35 -4.50
C GLU E 109 -9.95 52.51 -3.91
N VAL E 110 -8.73 52.22 -3.45
CA VAL E 110 -7.94 53.25 -2.77
C VAL E 110 -7.64 54.40 -3.71
N MET E 111 -7.25 54.09 -4.94
CA MET E 111 -6.95 55.14 -5.90
C MET E 111 -8.21 55.77 -6.49
N GLY E 112 -9.27 54.99 -6.64
CA GLY E 112 -10.46 55.48 -7.31
C GLY E 112 -10.19 55.91 -8.73
N TYR E 113 -9.40 55.14 -9.47
CA TYR E 113 -8.94 55.56 -10.79
C TYR E 113 -8.71 54.32 -11.65
N TRP E 114 -8.59 54.54 -12.95
CA TRP E 114 -8.40 53.45 -13.91
C TRP E 114 -6.94 53.38 -14.33
N TYR E 115 -6.40 52.16 -14.36
CA TYR E 115 -4.99 52.00 -14.73
C TYR E 115 -4.75 50.76 -15.59
N PHE E 116 -5.79 50.17 -16.19
CA PHE E 116 -5.60 48.93 -16.94
C PHE E 116 -6.39 48.89 -18.25
N GLY E 117 -6.90 50.00 -18.73
CA GLY E 117 -7.57 50.03 -20.02
C GLY E 117 -9.00 49.57 -19.96
N LYS E 118 -9.59 49.45 -21.17
CA LYS E 118 -11.00 49.12 -21.32
C LYS E 118 -11.26 47.62 -21.42
N ALA E 119 -10.22 46.79 -21.52
CA ALA E 119 -10.39 45.35 -21.62
C ALA E 119 -9.85 44.59 -20.42
N TRP E 120 -8.68 44.97 -19.92
CA TRP E 120 -8.13 44.34 -18.73
C TRP E 120 -8.99 44.61 -17.49
N CYS E 121 -9.88 45.59 -17.56
CA CYS E 121 -10.80 45.87 -16.47
C CYS E 121 -12.10 45.10 -16.59
N GLU E 122 -12.66 44.98 -17.79
CA GLU E 122 -13.85 44.17 -18.01
C GLU E 122 -13.58 42.69 -17.82
N ILE E 123 -12.41 42.21 -18.25
CA ILE E 123 -12.05 40.83 -17.94
C ILE E 123 -11.96 40.63 -16.43
N TYR E 124 -11.82 41.75 -15.71
CA TYR E 124 -11.88 41.65 -14.23
C TYR E 124 -13.34 41.56 -13.81
N LEU E 125 -14.23 42.43 -14.30
CA LEU E 125 -15.61 42.30 -13.76
C LEU E 125 -16.04 40.85 -13.91
N ALA E 126 -15.73 40.29 -15.05
CA ALA E 126 -16.15 38.90 -15.29
C ALA E 126 -15.44 37.98 -14.33
N LEU E 127 -14.16 38.23 -14.14
CA LEU E 127 -13.46 37.27 -13.29
C LEU E 127 -14.11 37.37 -11.91
N ASP E 128 -14.45 38.56 -11.45
CA ASP E 128 -15.02 38.61 -10.09
C ASP E 128 -16.28 37.75 -10.09
N VAL E 129 -17.14 37.95 -11.07
CA VAL E 129 -18.39 37.15 -10.94
C VAL E 129 -18.05 35.67 -10.96
N LEU E 130 -17.23 35.21 -11.91
CA LEU E 130 -16.91 33.76 -12.03
C LEU E 130 -16.32 33.22 -10.73
N PHE E 131 -15.35 33.91 -10.14
CA PHE E 131 -14.64 33.38 -8.96
C PHE E 131 -15.54 33.39 -7.74
N CYS E 132 -16.45 34.36 -7.64
CA CYS E 132 -17.40 34.31 -6.49
C CYS E 132 -18.59 33.37 -6.78
N THR E 133 -19.31 33.53 -7.88
CA THR E 133 -20.46 32.65 -8.08
C THR E 133 -20.06 31.19 -8.00
N SER E 134 -18.80 30.86 -8.33
CA SER E 134 -18.35 29.48 -8.19
C SER E 134 -18.06 29.14 -6.74
N SER E 135 -17.63 30.12 -5.94
CA SER E 135 -17.42 29.87 -4.52
C SER E 135 -18.73 29.76 -3.76
N ILE E 136 -19.77 30.49 -4.17
CA ILE E 136 -21.07 30.36 -3.51
C ILE E 136 -21.69 29.00 -3.81
N VAL E 137 -21.60 28.56 -5.07
CA VAL E 137 -22.31 27.36 -5.47
C VAL E 137 -21.72 26.12 -4.80
N HIS E 138 -20.40 26.06 -4.63
CA HIS E 138 -19.80 24.89 -4.00
C HIS E 138 -20.34 24.66 -2.59
N LEU E 139 -20.89 25.69 -1.95
CA LEU E 139 -21.54 25.47 -0.66
C LEU E 139 -22.81 24.66 -0.81
N CYS E 140 -23.57 24.90 -1.88
CA CYS E 140 -24.79 24.14 -2.11
C CYS E 140 -24.49 22.68 -2.40
N ALA E 141 -23.46 22.41 -3.20
CA ALA E 141 -23.17 21.03 -3.58
C ALA E 141 -22.81 20.18 -2.36
N ILE E 142 -21.99 20.71 -1.46
CA ILE E 142 -21.60 19.95 -0.28
C ILE E 142 -22.81 19.67 0.60
N SER E 143 -23.69 20.67 0.76
CA SER E 143 -24.88 20.46 1.56
C SER E 143 -25.78 19.40 0.95
N LEU E 144 -25.96 19.43 -0.37
CA LEU E 144 -26.79 18.42 -1.02
C LEU E 144 -26.17 17.03 -0.84
N ASP E 145 -24.86 16.93 -0.98
CA ASP E 145 -24.20 15.64 -0.79
C ASP E 145 -24.43 15.14 0.63
N ARG E 146 -24.29 16.02 1.63
CA ARG E 146 -24.52 15.61 3.01
C ARG E 146 -25.95 15.13 3.21
N TYR E 147 -26.92 15.86 2.66
CA TYR E 147 -28.31 15.46 2.83
C TYR E 147 -28.58 14.10 2.21
N TRP E 148 -28.06 13.86 1.00
CA TRP E 148 -28.29 12.58 0.37
C TRP E 148 -27.59 11.46 1.12
N SER E 149 -26.41 11.73 1.67
CA SER E 149 -25.73 10.71 2.46
C SER E 149 -26.48 10.39 3.75
N ILE E 150 -27.20 11.36 4.31
CA ILE E 150 -27.88 11.13 5.58
C ILE E 150 -29.24 10.47 5.36
N THR E 151 -30.06 11.03 4.48
CA THR E 151 -31.42 10.53 4.33
C THR E 151 -31.44 9.11 3.78
N GLN E 152 -30.73 8.87 2.67
CA GLN E 152 -30.68 7.58 2.01
C GLN E 152 -29.23 7.13 2.00
N ALA E 153 -28.85 6.34 3.02
CA ALA E 153 -27.45 6.01 3.22
C ALA E 153 -26.94 5.02 2.19
N ILE E 154 -27.53 3.83 2.15
CA ILE E 154 -26.98 2.74 1.34
C ILE E 154 -27.05 3.09 -0.14
N GLU E 155 -28.21 3.56 -0.60
CA GLU E 155 -28.39 3.78 -2.03
C GLU E 155 -27.39 4.81 -2.56
N TYR E 156 -27.28 5.95 -1.88
CA TYR E 156 -26.31 6.95 -2.32
C TYR E 156 -24.88 6.45 -2.15
N ASN E 157 -24.60 5.74 -1.06
CA ASN E 157 -23.25 5.23 -0.83
C ASN E 157 -22.81 4.32 -1.97
N LEU E 158 -23.75 3.57 -2.56
CA LEU E 158 -23.38 2.73 -3.70
C LEU E 158 -22.86 3.55 -4.87
N LYS E 159 -23.20 4.83 -4.94
CA LYS E 159 -22.82 5.69 -6.06
C LYS E 159 -21.97 6.89 -5.61
N ARG E 160 -21.18 6.70 -4.55
CA ARG E 160 -20.22 7.72 -4.12
C ARG E 160 -18.85 7.49 -4.74
N THR E 161 -18.82 7.35 -6.06
CA THR E 161 -17.58 7.10 -6.77
C THR E 161 -16.99 8.41 -7.26
N PRO E 162 -15.68 8.45 -7.51
CA PRO E 162 -15.06 9.71 -7.98
C PRO E 162 -15.65 10.23 -9.27
N ARG E 163 -16.27 9.37 -10.09
CA ARG E 163 -16.85 9.83 -11.34
C ARG E 163 -17.97 10.83 -11.09
N ARG E 164 -18.90 10.50 -10.19
CA ARG E 164 -20.01 11.40 -9.91
C ARG E 164 -19.51 12.72 -9.33
N ILE E 165 -18.54 12.66 -8.42
CA ILE E 165 -18.05 13.88 -7.79
C ILE E 165 -17.34 14.76 -8.80
N LYS E 166 -16.51 14.16 -9.66
CA LYS E 166 -15.84 14.94 -10.69
C LYS E 166 -16.84 15.55 -11.65
N ALA E 167 -17.88 14.80 -12.02
CA ALA E 167 -18.92 15.36 -12.88
C ALA E 167 -19.60 16.54 -12.21
N ILE E 168 -19.90 16.43 -10.92
CA ILE E 168 -20.55 17.53 -10.20
C ILE E 168 -19.65 18.76 -10.19
N ILE E 169 -18.36 18.57 -9.93
CA ILE E 169 -17.43 19.69 -9.91
C ILE E 169 -17.39 20.36 -11.28
N ILE E 170 -17.30 19.55 -12.34
CA ILE E 170 -17.23 20.11 -13.69
C ILE E 170 -18.49 20.90 -13.99
N THR E 171 -19.66 20.36 -13.64
CA THR E 171 -20.89 21.05 -13.98
C THR E 171 -21.08 22.32 -13.17
N VAL E 172 -20.65 22.35 -11.91
CA VAL E 172 -20.77 23.59 -11.15
C VAL E 172 -19.84 24.65 -11.73
N TRP E 173 -18.62 24.24 -12.15
CA TRP E 173 -17.74 25.18 -12.81
C TRP E 173 -18.38 25.70 -14.10
N VAL E 174 -19.03 24.81 -14.85
CA VAL E 174 -19.68 25.21 -16.10
C VAL E 174 -20.80 26.20 -15.83
N ILE E 175 -21.61 25.95 -14.80
CA ILE E 175 -22.70 26.87 -14.48
C ILE E 175 -22.14 28.23 -14.10
N SER E 176 -21.08 28.26 -13.29
CA SER E 176 -20.48 29.54 -12.91
C SER E 176 -19.95 30.27 -14.14
N ALA E 177 -19.29 29.54 -15.05
CA ALA E 177 -18.75 30.18 -16.24
C ALA E 177 -19.86 30.74 -17.12
N VAL E 178 -20.92 29.96 -17.33
CA VAL E 178 -21.99 30.40 -18.24
C VAL E 178 -22.74 31.58 -17.63
N ILE E 179 -22.84 31.65 -16.30
CA ILE E 179 -23.49 32.81 -15.69
C ILE E 179 -22.54 34.00 -15.63
N SER E 180 -21.24 33.79 -15.74
CA SER E 180 -20.28 34.88 -15.59
C SER E 180 -19.86 35.50 -16.93
N PHE E 181 -19.30 34.68 -17.83
CA PHE E 181 -18.73 35.23 -19.05
C PHE E 181 -19.71 36.08 -19.84
N PRO E 182 -20.94 35.66 -20.10
CA PRO E 182 -21.88 36.52 -20.82
C PRO E 182 -22.05 37.85 -20.10
N PRO E 183 -21.62 38.96 -20.72
CA PRO E 183 -21.79 40.26 -20.06
C PRO E 183 -23.25 40.61 -19.79
N ARG E 202 -13.67 55.79 -13.68
CA ARG E 202 -14.28 54.70 -14.43
C ARG E 202 -13.88 53.34 -13.83
N CYS E 203 -14.20 52.26 -14.56
CA CYS E 203 -14.13 50.89 -14.02
C CYS E 203 -15.12 50.72 -12.86
N GLU E 204 -16.39 50.90 -13.18
CA GLU E 204 -17.49 50.67 -12.25
C GLU E 204 -18.18 49.37 -12.62
N ILE E 205 -18.72 48.69 -11.59
CA ILE E 205 -19.34 47.39 -11.80
C ILE E 205 -20.54 47.52 -12.72
N ASN E 206 -20.87 46.43 -13.41
CA ASN E 206 -21.99 46.43 -14.34
C ASN E 206 -23.31 46.59 -13.58
N ASP E 207 -24.19 47.42 -14.14
CA ASP E 207 -25.47 47.71 -13.51
C ASP E 207 -26.50 48.03 -14.58
N GLN E 208 -27.50 47.18 -14.75
CA GLN E 208 -28.68 47.48 -15.54
C GLN E 208 -29.87 46.76 -14.91
N LYS E 209 -31.05 46.97 -15.47
CA LYS E 209 -32.28 46.64 -14.76
C LYS E 209 -32.42 45.13 -14.56
N TRP E 210 -32.28 44.34 -15.63
CA TRP E 210 -32.80 42.98 -15.65
C TRP E 210 -31.74 41.92 -15.37
N TYR E 211 -30.60 41.97 -16.05
CA TYR E 211 -29.60 40.93 -15.85
C TYR E 211 -29.08 40.95 -14.42
N VAL E 212 -29.13 42.10 -13.74
CA VAL E 212 -28.81 42.13 -12.32
C VAL E 212 -29.69 41.17 -11.54
N ILE E 213 -31.01 41.28 -11.74
CA ILE E 213 -31.93 40.43 -11.00
C ILE E 213 -31.71 38.97 -11.40
N SER E 214 -31.59 38.72 -12.70
CA SER E 214 -31.40 37.35 -13.16
C SER E 214 -30.17 36.72 -12.51
N SER E 215 -29.03 37.41 -12.58
CA SER E 215 -27.79 36.84 -12.07
C SER E 215 -27.84 36.70 -10.55
N CYS E 216 -28.39 37.67 -9.84
CA CYS E 216 -28.45 37.55 -8.39
C CYS E 216 -29.31 36.37 -7.97
N ILE E 217 -30.46 36.19 -8.62
CA ILE E 217 -31.32 35.06 -8.30
C ILE E 217 -30.61 33.75 -8.61
N GLY E 218 -29.90 33.70 -9.75
CA GLY E 218 -29.22 32.46 -10.12
C GLY E 218 -27.98 32.16 -9.28
N SER E 219 -27.41 33.17 -8.64
CA SER E 219 -26.18 33.01 -7.88
C SER E 219 -26.42 32.76 -6.39
N PHE E 220 -27.31 33.55 -5.76
CA PHE E 220 -27.46 33.51 -4.31
C PHE E 220 -28.82 33.01 -3.86
N PHE E 221 -29.90 33.62 -4.32
CA PHE E 221 -31.22 33.31 -3.77
C PHE E 221 -31.55 31.83 -3.89
N ALA E 222 -31.05 31.15 -4.92
CA ALA E 222 -31.33 29.72 -5.05
C ALA E 222 -30.47 28.92 -4.08
N PRO E 223 -29.15 29.01 -4.13
CA PRO E 223 -28.33 28.24 -3.19
C PRO E 223 -28.64 28.53 -1.73
N CYS E 224 -28.96 29.78 -1.38
CA CYS E 224 -29.29 30.08 0.01
C CYS E 224 -30.52 29.30 0.45
N LEU E 225 -31.58 29.32 -0.36
CA LEU E 225 -32.79 28.58 -0.05
C LEU E 225 -32.51 27.09 0.06
N ILE E 226 -31.78 26.55 -0.91
CA ILE E 226 -31.47 25.13 -0.91
C ILE E 226 -30.72 24.74 0.35
N MET E 227 -29.68 25.51 0.69
CA MET E 227 -28.86 25.19 1.84
C MET E 227 -29.62 25.33 3.16
N ILE E 228 -30.46 26.36 3.30
CA ILE E 228 -31.19 26.50 4.55
C ILE E 228 -32.16 25.34 4.74
N LEU E 229 -32.85 24.91 3.68
CA LEU E 229 -33.67 23.69 3.84
C LEU E 229 -32.79 22.47 4.14
N VAL E 230 -31.70 22.31 3.41
CA VAL E 230 -30.87 21.11 3.58
C VAL E 230 -30.33 21.02 4.98
N TYR E 231 -30.14 22.14 5.66
CA TYR E 231 -29.66 22.08 7.04
C TYR E 231 -30.77 22.07 8.07
N VAL E 232 -31.93 22.68 7.80
CA VAL E 232 -33.07 22.53 8.71
C VAL E 232 -33.52 21.08 8.77
N ARG E 233 -33.58 20.41 7.62
CA ARG E 233 -33.99 19.00 7.62
C ARG E 233 -33.00 18.14 8.39
N ILE E 234 -31.70 18.39 8.21
CA ILE E 234 -30.70 17.61 8.94
C ILE E 234 -30.78 17.91 10.43
N TYR E 235 -31.06 19.15 10.80
CA TYR E 235 -31.26 19.47 12.22
C TYR E 235 -32.42 18.67 12.78
N GLN E 236 -33.53 18.61 12.05
CA GLN E 236 -34.67 17.86 12.53
C GLN E 236 -34.33 16.37 12.67
N ILE E 237 -33.63 15.81 11.69
CA ILE E 237 -33.28 14.40 11.76
C ILE E 237 -32.36 14.13 12.95
N ALA E 238 -31.36 14.99 13.15
CA ALA E 238 -30.44 14.79 14.26
C ALA E 238 -31.16 14.90 15.59
N LYS E 239 -32.05 15.88 15.74
CA LYS E 239 -32.78 16.01 16.99
C LYS E 239 -33.68 14.80 17.23
N ARG E 240 -34.37 14.33 16.18
CA ARG E 240 -35.33 13.25 16.36
C ARG E 240 -34.64 11.93 16.64
N ARG E 241 -33.54 11.63 15.95
CA ARG E 241 -32.88 10.34 16.12
C ARG E 241 -32.48 10.11 17.57
N THR E 242 -32.23 11.18 18.33
CA THR E 242 -31.90 11.07 19.74
C THR E 242 -33.11 11.35 20.62
N ARG E 243 -34.31 11.38 20.04
CA ARG E 243 -35.54 11.58 20.80
C ARG E 243 -35.50 12.91 21.55
N GLY E 379 -24.20 11.72 26.44
CA GLY E 379 -23.94 13.13 26.64
C GLY E 379 -25.14 13.99 26.31
N ARG E 380 -26.01 14.22 27.30
CA ARG E 380 -27.21 14.99 27.06
C ARG E 380 -26.88 16.40 26.59
N GLN E 381 -26.03 17.10 27.34
CA GLN E 381 -25.71 18.49 27.00
C GLN E 381 -24.98 18.58 25.67
N ASN E 382 -24.05 17.66 25.42
CA ASN E 382 -23.16 17.79 24.27
C ASN E 382 -23.93 17.71 22.96
N ARG E 383 -24.81 16.71 22.83
CA ARG E 383 -25.39 16.40 21.52
C ARG E 383 -26.18 17.58 20.97
N GLU E 384 -27.27 17.95 21.64
CA GLU E 384 -28.15 18.99 21.11
C GLU E 384 -27.43 20.32 21.01
N LYS E 385 -26.65 20.67 22.03
CA LYS E 385 -25.94 21.95 22.03
C LYS E 385 -25.01 22.04 20.83
N ARG E 386 -24.26 20.98 20.55
CA ARG E 386 -23.31 21.03 19.44
C ARG E 386 -24.02 20.99 18.10
N PHE E 387 -25.11 20.22 17.97
CA PHE E 387 -25.88 20.27 16.74
C PHE E 387 -26.28 21.71 16.45
N THR E 388 -26.90 22.35 17.43
CA THR E 388 -27.42 23.69 17.22
C THR E 388 -26.29 24.66 16.94
N PHE E 389 -25.19 24.56 17.68
CA PHE E 389 -24.10 25.51 17.49
C PHE E 389 -23.47 25.37 16.12
N VAL E 390 -23.23 24.14 15.67
CA VAL E 390 -22.59 23.95 14.37
C VAL E 390 -23.48 24.49 13.26
N LEU E 391 -24.76 24.10 13.28
CA LEU E 391 -25.64 24.56 12.20
C LEU E 391 -25.82 26.07 12.23
N ALA E 392 -25.98 26.63 13.43
CA ALA E 392 -26.11 28.08 13.55
C ALA E 392 -24.88 28.78 13.00
N VAL E 393 -23.68 28.30 13.36
CA VAL E 393 -22.46 28.93 12.88
C VAL E 393 -22.43 28.90 11.35
N VAL E 394 -22.66 27.73 10.77
CA VAL E 394 -22.58 27.62 9.31
C VAL E 394 -23.53 28.60 8.65
N ILE E 395 -24.83 28.47 8.94
CA ILE E 395 -25.80 29.28 8.24
C ILE E 395 -25.58 30.76 8.54
N GLY E 396 -25.29 31.10 9.79
CA GLY E 396 -25.13 32.49 10.15
C GLY E 396 -23.97 33.15 9.45
N VAL E 397 -22.80 32.49 9.44
CA VAL E 397 -21.66 33.11 8.78
C VAL E 397 -21.96 33.27 7.30
N PHE E 398 -22.48 32.21 6.65
CA PHE E 398 -22.74 32.32 5.22
C PHE E 398 -23.70 33.47 4.92
N VAL E 399 -24.83 33.51 5.62
CA VAL E 399 -25.86 34.50 5.31
C VAL E 399 -25.38 35.90 5.64
N VAL E 400 -24.83 36.10 6.84
CA VAL E 400 -24.39 37.43 7.22
C VAL E 400 -23.31 37.93 6.27
N CYS E 401 -22.44 37.03 5.81
CA CYS E 401 -21.38 37.44 4.89
C CYS E 401 -21.95 37.89 3.55
N TRP E 402 -22.81 37.07 2.94
CA TRP E 402 -23.18 37.36 1.56
C TRP E 402 -24.46 38.17 1.42
N PHE E 403 -25.50 37.86 2.20
CA PHE E 403 -26.81 38.45 1.97
C PHE E 403 -26.82 39.97 1.92
N PRO E 404 -26.11 40.71 2.77
CA PRO E 404 -26.23 42.17 2.71
C PRO E 404 -25.88 42.74 1.34
N PHE E 405 -24.75 42.32 0.77
CA PHE E 405 -24.34 42.85 -0.53
C PHE E 405 -25.38 42.52 -1.59
N PHE E 406 -25.85 41.28 -1.62
CA PHE E 406 -26.82 40.89 -2.64
C PHE E 406 -28.13 41.64 -2.46
N PHE E 407 -28.54 41.86 -1.22
CA PHE E 407 -29.77 42.60 -0.96
C PHE E 407 -29.66 44.02 -1.50
N THR E 408 -28.57 44.72 -1.17
CA THR E 408 -28.40 46.08 -1.67
C THR E 408 -28.28 46.09 -3.19
N TYR E 409 -27.61 45.11 -3.74
CA TYR E 409 -27.38 45.11 -5.20
C TYR E 409 -28.76 45.00 -5.80
N THR E 410 -29.49 44.00 -5.36
CA THR E 410 -30.81 43.78 -5.93
C THR E 410 -31.65 45.05 -5.83
N LEU E 411 -31.65 45.69 -4.65
CA LEU E 411 -32.40 46.92 -4.48
C LEU E 411 -32.02 47.94 -5.54
N THR E 412 -30.73 48.02 -5.86
CA THR E 412 -30.27 48.97 -6.86
C THR E 412 -31.00 48.81 -8.18
N ALA E 413 -31.43 47.59 -8.50
CA ALA E 413 -32.00 47.32 -9.82
C ALA E 413 -33.21 48.20 -10.10
N VAL E 414 -34.17 48.23 -9.18
CA VAL E 414 -35.42 48.97 -9.36
C VAL E 414 -35.44 50.22 -8.48
N GLY E 415 -35.40 50.04 -7.16
CA GLY E 415 -35.33 51.16 -6.25
C GLY E 415 -33.91 51.66 -6.07
N CYS E 416 -33.78 52.70 -5.26
CA CYS E 416 -32.47 53.24 -4.94
C CYS E 416 -31.91 52.61 -3.66
N SER E 417 -32.57 52.84 -2.53
CA SER E 417 -32.25 52.19 -1.26
C SER E 417 -30.76 52.15 -0.99
N VAL E 418 -30.01 53.14 -1.46
CA VAL E 418 -28.55 53.15 -1.32
C VAL E 418 -28.12 54.49 -0.74
N PRO E 419 -28.13 54.67 0.58
CA PRO E 419 -27.73 55.97 1.13
C PRO E 419 -26.31 56.36 0.73
N ARG E 420 -25.32 55.56 1.13
CA ARG E 420 -23.97 55.72 0.62
C ARG E 420 -23.04 54.73 1.30
N THR E 421 -21.92 54.45 0.63
CA THR E 421 -20.72 53.91 1.28
C THR E 421 -20.91 52.56 1.96
N LEU E 422 -22.09 51.96 1.86
CA LEU E 422 -22.30 50.63 2.44
C LEU E 422 -22.05 49.52 1.45
N PHE E 423 -22.13 49.81 0.15
CA PHE E 423 -21.81 48.81 -0.86
C PHE E 423 -20.39 48.32 -0.69
N LYS E 424 -19.44 49.23 -0.44
CA LYS E 424 -18.05 48.83 -0.26
C LYS E 424 -17.87 47.99 1.00
N PHE E 425 -18.58 48.36 2.07
CA PHE E 425 -18.51 47.56 3.30
C PHE E 425 -18.97 46.12 3.04
N PHE E 426 -20.12 45.97 2.36
CA PHE E 426 -20.61 44.62 2.08
C PHE E 426 -19.71 43.91 1.08
N PHE E 427 -19.10 44.64 0.16
CA PHE E 427 -18.12 44.07 -0.75
C PHE E 427 -16.97 43.42 0.02
N TRP E 428 -16.40 44.17 0.96
CA TRP E 428 -15.29 43.62 1.73
C TRP E 428 -15.75 42.50 2.66
N PHE E 429 -17.00 42.55 3.08
CA PHE E 429 -17.50 41.42 3.88
C PHE E 429 -17.41 40.21 2.96
N GLY E 430 -18.05 40.31 1.79
CA GLY E 430 -18.08 39.16 0.89
C GLY E 430 -16.69 38.61 0.63
N TYR E 431 -15.70 39.44 0.44
CA TYR E 431 -14.40 38.77 0.21
C TYR E 431 -13.93 38.15 1.51
N CYS E 432 -14.19 38.80 2.64
CA CYS E 432 -13.76 38.13 3.87
C CYS E 432 -14.40 36.75 4.00
N ASN E 433 -15.59 36.58 3.43
CA ASN E 433 -16.22 35.27 3.47
C ASN E 433 -15.33 34.19 2.86
N SER E 434 -14.53 34.56 1.85
CA SER E 434 -13.65 33.57 1.23
C SER E 434 -12.66 33.00 2.24
N SER E 435 -12.24 33.80 3.20
CA SER E 435 -11.37 33.33 4.27
C SER E 435 -12.15 32.68 5.41
N LEU E 436 -13.39 33.11 5.62
CA LEU E 436 -14.21 32.48 6.66
C LEU E 436 -14.57 31.04 6.30
N ASN E 437 -14.81 30.77 5.02
CA ASN E 437 -15.36 29.46 4.64
C ASN E 437 -14.46 28.30 5.03
N PRO E 438 -13.15 28.32 4.77
CA PRO E 438 -12.33 27.14 5.09
C PRO E 438 -12.42 26.71 6.55
N VAL E 439 -12.30 27.65 7.49
CA VAL E 439 -12.34 27.28 8.90
C VAL E 439 -13.69 26.70 9.26
N ILE E 440 -14.77 27.30 8.75
CA ILE E 440 -16.11 26.85 9.09
C ILE E 440 -16.36 25.44 8.56
N TYR E 441 -15.84 25.13 7.37
CA TYR E 441 -16.08 23.82 6.78
C TYR E 441 -15.01 22.79 7.13
N THR E 442 -13.96 23.18 7.86
CA THR E 442 -12.89 22.25 8.18
C THR E 442 -12.69 22.00 9.67
N ILE E 443 -12.95 22.97 10.54
CA ILE E 443 -12.55 22.84 11.94
C ILE E 443 -13.29 21.70 12.62
N PHE E 444 -14.59 21.56 12.35
CA PHE E 444 -15.39 20.59 13.10
C PHE E 444 -14.95 19.16 12.82
N ASN E 445 -14.64 18.83 11.57
CA ASN E 445 -14.30 17.46 11.22
C ASN E 445 -13.08 16.99 12.00
N HIS E 446 -13.16 15.79 12.58
CA HIS E 446 -12.08 15.29 13.42
C HIS E 446 -10.83 14.98 12.60
N ASP E 447 -11.00 14.31 11.46
CA ASP E 447 -9.84 13.91 10.67
C ASP E 447 -9.08 15.13 10.16
N PHE E 448 -9.80 16.17 9.74
CA PHE E 448 -9.13 17.39 9.29
C PHE E 448 -8.33 18.02 10.42
N ARG E 449 -8.89 18.03 11.63
CA ARG E 449 -8.14 18.56 12.77
C ARG E 449 -6.89 17.73 13.03
N ARG E 450 -6.99 16.41 12.93
CA ARG E 450 -5.82 15.56 13.11
C ARG E 450 -4.75 15.88 12.08
N ALA E 451 -5.15 16.02 10.82
CA ALA E 451 -4.19 16.33 9.77
C ALA E 451 -3.56 17.70 9.98
N PHE E 452 -4.37 18.68 10.40
CA PHE E 452 -3.84 20.02 10.66
C PHE E 452 -2.84 19.99 11.81
N LYS E 453 -3.13 19.21 12.86
CA LYS E 453 -2.18 19.09 13.96
C LYS E 453 -0.89 18.42 13.51
N LYS E 454 -1.01 17.38 12.68
CA LYS E 454 0.18 16.69 12.18
C LYS E 454 1.05 17.62 11.35
N ILE E 455 0.44 18.42 10.47
CA ILE E 455 1.20 19.35 9.64
C ILE E 455 1.66 20.57 10.41
N LEU E 456 1.05 20.85 11.57
CA LEU E 456 1.44 22.04 12.34
C LEU E 456 2.77 21.84 13.03
N CYS E 457 3.00 20.65 13.59
CA CYS E 457 4.23 20.36 14.32
C CYS E 457 4.78 18.99 13.92
C1 W58 F . -19.47 41.58 -6.74
C2 W58 F . -19.43 40.11 -6.92
C3 W58 F . -20.63 39.46 -7.59
C4 W58 F . -21.04 38.14 -7.16
C5 W58 F . -22.12 37.54 -7.77
C6 W58 F . -22.80 38.20 -8.75
C7 W58 F . -22.37 39.55 -9.18
C8 W58 F . -21.30 40.14 -8.59
C9 W58 F . -23.53 39.58 -10.21
C10 W58 F . -23.95 38.24 -9.78
C11 W58 F . -18.83 39.34 -5.85
C13 W58 F . -17.82 41.12 -4.83
C14 W58 F . -18.45 42.15 -6.04
N12 W58 F . -17.54 40.05 -5.27
#